data_9MYJ
#
_entry.id   9MYJ
#
_cell.length_a   1.00
_cell.length_b   1.00
_cell.length_c   1.00
_cell.angle_alpha   90.00
_cell.angle_beta   90.00
_cell.angle_gamma   90.00
#
_symmetry.space_group_name_H-M   'P 1'
#
loop_
_entity.id
_entity.type
_entity.pdbx_description
1 polymer 'Gliding motility protein GldN'
2 polymer 'Lipoprotein, putative'
3 branched '2-acetamido-2-deoxy-beta-D-galactopyranose-(1-3)-2-acetamido-2-deoxy-beta-D-galactopyranose-(1-4)-beta-L-fucopyranose-(1-4)-beta-D-glucopyranose-(1-4)-alpha-D-glucopyranuronic acid-(1-2)-[alpha-L-rhamnopyranose-(1-4)]alpha-D-mannopyranose'
4 non-polymer alpha-D-mannopyranose
5 non-polymer 'CALCIUM ION'
#
loop_
_entity_poly.entity_id
_entity_poly.type
_entity_poly.pdbx_seq_one_letter_code
_entity_poly.pdbx_strand_id
1 'polypeptide(L)'
;LSNRAQEFNRRLTQKTDNAPWRRVVYRRVDLMEESNAVLYYPPRPIGDRKNLFSTIFGLINSNSLDVYEYLDGFEAFTDQ
YKIKFQEFLDRFGIYYQPSTNKNAELFKVADSDIPSAEVKAYYVKEEWYFTPTNSDVDIKIQAICPIMTGQDEFGEVRNQ
PLFWIPYENIRPYIARERVMLSSLNNTRNSTIDDFFRLNLYKGDIVKTENLHNRALAEYCPTPDSMKMESKRIDKELQGF
RDGLFVTQDTTWMK
;
A
2 'polypeptide(L)'
;EPSPFGMIQVPRGSIVLGNKEADSLWGIPAESRPISVDAFWMDRTEITNAQYRQFVYYVRDSIIRERLADPAYGGNEEYK
ITENKFGEPVTPHLDWSKPIPSEKRATEEEIAAINSVYYTNPVTHDRKLNPDQMVYRYEVYDYRSAALREHQLKAAKRNL
NTDIKVDPNAVVMISKDTAFVDESGNIISETITRPLSSEYDFLNTYIVPIYPDETCWVNDFPNARTEIYTRMYFNHPGYD
DYPVVGISWEQAQAFCAWRSEFFRKGIRLPEGQIMDDFRLPTEAEWEYAARMGDSNNKYPWSTEDLRTGRGCFLGNFKPG
EGDYTADGHLIPSRVSSFSPNDFGLYDMAGNVAEWTSTAFSESGLKQMSDINPELEYKAALTDPYILKQKVVRGGSWKDV
ARFIRSATRSHEYQNVGRSYIGFRCVRTSIAFSSGKA
;
B
#
loop_
_chem_comp.id
_chem_comp.type
_chem_comp.name
_chem_comp.formula
BGC D-saccharide, beta linking beta-D-glucopyranose 'C6 H12 O6'
CA non-polymer 'CALCIUM ION' 'Ca 2'
FUL L-saccharide, beta linking beta-L-fucopyranose 'C6 H12 O5'
GCU D-saccharide, alpha linking 'alpha-D-glucopyranuronic acid' 'C6 H10 O7'
MAN D-saccharide, alpha linking alpha-D-mannopyranose 'C6 H12 O6'
NGA D-saccharide, beta linking 2-acetamido-2-deoxy-beta-D-galactopyranose 'C8 H15 N O6'
RAM L-saccharide, alpha linking alpha-L-rhamnopyranose 'C6 H12 O5'
#
# COMPACT_ATOMS: atom_id res chain seq x y z
N LEU A 1 -0.89 -1.12 16.84
CA LEU A 1 -0.53 -0.56 18.13
C LEU A 1 -0.57 0.96 18.10
N SER A 2 -0.04 1.54 17.03
CA SER A 2 -0.05 2.98 16.86
C SER A 2 -1.45 3.47 16.51
N ASN A 3 -1.70 4.74 16.78
CA ASN A 3 -3.02 5.32 16.50
C ASN A 3 -3.34 5.26 15.01
N ARG A 4 -2.36 5.57 14.15
CA ARG A 4 -2.57 5.47 12.71
C ARG A 4 -2.79 4.02 12.30
N ALA A 5 -2.08 3.09 12.94
CA ALA A 5 -2.28 1.68 12.64
C ALA A 5 -3.70 1.24 13.00
N GLN A 6 -4.20 1.67 14.16
CA GLN A 6 -5.57 1.33 14.54
C GLN A 6 -6.59 1.97 13.60
N GLU A 7 -6.34 3.22 13.19
CA GLU A 7 -7.24 3.87 12.24
C GLU A 7 -7.27 3.12 10.92
N PHE A 8 -6.11 2.72 10.41
CA PHE A 8 -6.04 1.96 9.16
C PHE A 8 -6.74 0.62 9.31
N ASN A 9 -6.53 -0.07 10.44
CA ASN A 9 -7.20 -1.34 10.66
C ASN A 9 -8.71 -1.19 10.69
N ARG A 10 -9.20 -0.15 11.39
CA ARG A 10 -10.64 0.09 11.44
C ARG A 10 -11.20 0.39 10.06
N ARG A 11 -10.49 1.21 9.28
CA ARG A 11 -10.88 1.46 7.89
C ARG A 11 -10.77 0.20 7.04
N LEU A 12 -10.02 -0.80 7.51
CA LEU A 12 -9.81 -2.02 6.75
C LEU A 12 -10.85 -3.10 7.01
N THR A 13 -11.62 -2.97 8.10
CA THR A 13 -12.63 -3.97 8.41
C THR A 13 -13.73 -3.99 7.37
N GLN A 14 -14.33 -5.17 7.19
CA GLN A 14 -15.43 -5.35 6.25
C GLN A 14 -16.75 -5.22 7.01
N LYS A 15 -17.36 -4.04 6.93
CA LYS A 15 -18.60 -3.76 7.65
C LYS A 15 -19.75 -4.43 6.91
N THR A 16 -20.05 -5.67 7.30
CA THR A 16 -21.16 -6.43 6.72
C THR A 16 -22.22 -6.62 7.81
N ASP A 17 -23.28 -5.80 7.73
CA ASP A 17 -24.41 -5.95 8.62
C ASP A 17 -25.72 -5.81 7.84
N ASN A 18 -25.68 -5.07 6.73
CA ASN A 18 -26.85 -4.85 5.87
C ASN A 18 -26.45 -5.15 4.43
N ALA A 19 -26.53 -6.42 4.04
CA ALA A 19 -26.17 -6.85 2.71
C ALA A 19 -27.18 -7.89 2.23
N PRO A 20 -27.65 -7.77 0.98
CA PRO A 20 -28.62 -8.76 0.48
C PRO A 20 -27.98 -10.05 0.02
N TRP A 21 -26.99 -10.53 0.78
CA TRP A 21 -26.42 -11.86 0.60
C TRP A 21 -25.48 -12.14 1.78
N ARG A 22 -25.69 -13.23 2.49
CA ARG A 22 -24.87 -13.59 3.64
C ARG A 22 -24.62 -15.08 3.69
N ARG A 23 -24.27 -15.68 2.55
CA ARG A 23 -24.17 -17.13 2.47
C ARG A 23 -22.97 -17.61 3.27
N VAL A 24 -23.22 -18.27 4.40
CA VAL A 24 -22.17 -18.81 5.25
C VAL A 24 -21.94 -20.27 4.89
N VAL A 25 -20.70 -20.61 4.55
CA VAL A 25 -20.37 -21.94 4.05
C VAL A 25 -19.16 -22.47 4.82
N TYR A 26 -19.18 -23.76 5.13
CA TYR A 26 -18.15 -24.42 5.90
C TYR A 26 -17.33 -25.29 4.95
N ARG A 27 -16.01 -25.09 4.97
CA ARG A 27 -15.11 -25.79 4.07
C ARG A 27 -14.04 -26.53 4.84
N ARG A 28 -13.82 -27.80 4.48
CA ARG A 28 -12.69 -28.58 4.95
C ARG A 28 -11.61 -28.52 3.88
N VAL A 29 -10.42 -28.09 4.26
CA VAL A 29 -9.30 -27.95 3.33
C VAL A 29 -8.15 -28.82 3.82
N ASP A 30 -7.60 -29.61 2.91
CA ASP A 30 -6.59 -30.61 3.25
C ASP A 30 -5.19 -30.02 3.12
N LEU A 31 -4.39 -30.15 4.17
CA LEU A 31 -3.02 -29.67 4.13
C LEU A 31 -2.15 -30.50 3.18
N MET A 32 -2.60 -31.69 2.79
CA MET A 32 -1.84 -32.49 1.83
C MET A 32 -1.67 -31.76 0.51
N GLU A 33 -2.65 -30.95 0.12
CA GLU A 33 -2.51 -30.09 -1.05
C GLU A 33 -1.40 -29.09 -0.83
N GLU A 34 -0.68 -28.77 -1.91
CA GLU A 34 0.44 -27.83 -1.80
C GLU A 34 -0.01 -26.44 -1.38
N SER A 35 -1.25 -26.06 -1.73
CA SER A 35 -1.72 -24.71 -1.43
C SER A 35 -1.85 -24.49 0.06
N ASN A 36 -2.39 -25.46 0.80
CA ASN A 36 -2.74 -25.24 2.20
C ASN A 36 -1.61 -25.70 3.11
N ALA A 37 -0.58 -26.32 2.54
CA ALA A 37 0.46 -27.01 3.29
C ALA A 37 1.37 -26.07 4.08
N VAL A 38 0.99 -24.80 4.25
CA VAL A 38 1.74 -23.87 5.09
C VAL A 38 1.53 -24.23 6.56
N LEU A 39 0.73 -25.26 6.82
CA LEU A 39 0.39 -25.66 8.18
C LEU A 39 0.98 -27.03 8.52
N TYR A 40 2.23 -27.27 8.12
CA TYR A 40 2.92 -28.51 8.47
C TYR A 40 4.32 -28.20 8.99
N TYR A 41 4.40 -27.25 9.90
CA TYR A 41 5.66 -26.78 10.47
C TYR A 41 5.90 -27.40 11.83
N PRO A 42 7.16 -27.45 12.27
CA PRO A 42 7.47 -28.06 13.58
C PRO A 42 6.75 -27.35 14.70
N PRO A 43 6.27 -28.09 15.70
CA PRO A 43 5.50 -27.45 16.79
C PRO A 43 6.31 -26.45 17.60
N ARG A 44 7.61 -26.66 17.76
CA ARG A 44 8.41 -25.78 18.59
C ARG A 44 8.52 -24.39 17.95
N PRO A 45 8.65 -23.34 18.77
CA PRO A 45 8.74 -21.99 18.19
C PRO A 45 9.93 -21.81 17.28
N ILE A 46 11.12 -22.25 17.71
CA ILE A 46 12.40 -22.14 17.00
C ILE A 46 12.47 -20.88 16.16
N GLY A 47 12.17 -19.73 16.77
CA GLY A 47 12.20 -18.47 16.07
C GLY A 47 10.84 -18.08 15.51
N ASP A 48 10.62 -18.31 14.22
CA ASP A 48 9.37 -17.96 13.57
C ASP A 48 8.81 -19.06 12.67
N ARG A 49 9.47 -20.21 12.58
CA ARG A 49 8.99 -21.32 11.76
C ARG A 49 7.95 -22.10 12.55
N LYS A 50 6.73 -21.58 12.54
CA LYS A 50 5.61 -22.18 13.26
C LYS A 50 4.40 -22.29 12.35
N ASN A 51 3.56 -23.27 12.64
CA ASN A 51 2.28 -23.40 11.96
C ASN A 51 1.21 -22.64 12.75
N LEU A 52 -0.04 -22.76 12.33
CA LEU A 52 -1.12 -22.08 13.05
C LEU A 52 -1.32 -22.67 14.44
N PHE A 53 -1.42 -24.01 14.53
CA PHE A 53 -1.74 -24.64 15.80
C PHE A 53 -0.75 -24.23 16.89
N SER A 54 0.54 -24.15 16.54
CA SER A 54 1.55 -23.79 17.53
C SER A 54 1.33 -22.39 18.09
N THR A 55 1.05 -21.42 17.22
CA THR A 55 0.88 -20.05 17.72
C THR A 55 -0.44 -19.88 18.46
N ILE A 56 -1.51 -20.54 18.02
CA ILE A 56 -2.76 -20.47 18.80
C ILE A 56 -2.54 -21.10 20.17
N PHE A 57 -1.84 -22.23 20.24
CA PHE A 57 -1.56 -22.87 21.53
C PHE A 57 -0.74 -21.93 22.41
N GLY A 58 0.30 -21.31 21.84
CA GLY A 58 1.11 -20.39 22.62
C GLY A 58 0.33 -19.21 23.14
N LEU A 59 -0.60 -18.69 22.33
CA LEU A 59 -1.37 -17.52 22.76
C LEU A 59 -2.40 -17.89 23.81
N ILE A 60 -3.12 -19.00 23.62
CA ILE A 60 -4.12 -19.39 24.61
C ILE A 60 -3.45 -19.82 25.91
N ASN A 61 -2.22 -20.33 25.84
CA ASN A 61 -1.51 -20.74 27.04
C ASN A 61 -1.19 -19.56 27.94
N SER A 62 -0.88 -18.40 27.36
CA SER A 62 -0.55 -17.21 28.12
C SER A 62 -1.78 -16.41 28.53
N ASN A 63 -2.98 -16.88 28.19
CA ASN A 63 -4.24 -16.19 28.52
C ASN A 63 -4.29 -14.80 27.91
N SER A 64 -3.64 -14.61 26.77
CA SER A 64 -3.70 -13.35 26.02
C SER A 64 -4.69 -13.43 24.86
N LEU A 65 -5.45 -14.52 24.76
CA LEU A 65 -6.39 -14.72 23.66
C LEU A 65 -7.70 -15.25 24.21
N ASP A 66 -8.81 -14.77 23.65
CA ASP A 66 -10.15 -15.22 24.01
C ASP A 66 -10.70 -16.07 22.87
N VAL A 67 -11.05 -17.31 23.19
CA VAL A 67 -11.50 -18.28 22.18
C VAL A 67 -12.70 -19.04 22.71
N TYR A 68 -13.43 -19.66 21.79
CA TYR A 68 -14.65 -20.39 22.08
C TYR A 68 -14.45 -21.87 21.78
N GLU A 69 -15.50 -22.66 22.03
CA GLU A 69 -15.44 -24.11 21.92
C GLU A 69 -16.38 -24.61 20.83
N TYR A 70 -16.38 -25.93 20.64
CA TYR A 70 -17.23 -26.59 19.66
C TYR A 70 -18.60 -26.89 20.25
N LEU A 71 -19.53 -27.30 19.37
CA LEU A 71 -20.88 -27.67 19.80
C LEU A 71 -21.40 -28.95 19.14
N ASP A 72 -20.62 -29.57 18.25
CA ASP A 72 -20.99 -30.85 17.61
C ASP A 72 -22.31 -30.71 16.84
N GLY A 73 -22.24 -29.88 15.80
CA GLY A 73 -23.38 -29.69 14.92
C GLY A 73 -23.81 -28.25 14.79
N PHE A 74 -23.74 -27.50 15.89
CA PHE A 74 -24.07 -26.09 15.92
C PHE A 74 -22.81 -25.27 16.20
N GLU A 75 -22.94 -23.96 16.03
CA GLU A 75 -21.84 -23.02 16.29
C GLU A 75 -22.42 -21.78 16.96
N ALA A 76 -22.43 -21.79 18.29
CA ALA A 76 -22.92 -20.66 19.09
C ALA A 76 -21.72 -19.92 19.67
N PHE A 77 -21.61 -18.64 19.35
CA PHE A 77 -20.51 -17.80 19.83
C PHE A 77 -21.07 -16.90 20.94
N THR A 78 -20.95 -17.36 22.18
CA THR A 78 -21.49 -16.65 23.33
C THR A 78 -20.38 -16.41 24.35
N ASP A 79 -20.49 -15.28 25.07
CA ASP A 79 -19.50 -14.94 26.08
C ASP A 79 -19.44 -15.99 27.18
N GLN A 80 -20.60 -16.45 27.65
CA GLN A 80 -20.63 -17.48 28.67
C GLN A 80 -20.14 -18.82 28.11
N TYR A 81 -20.30 -19.04 26.81
CA TYR A 81 -19.81 -20.25 26.15
C TYR A 81 -18.34 -20.05 25.81
N LYS A 82 -17.50 -20.24 26.81
CA LYS A 82 -16.05 -20.06 26.68
C LYS A 82 -15.35 -21.40 26.89
N ILE A 83 -14.43 -21.73 26.00
CA ILE A 83 -13.66 -22.96 26.14
C ILE A 83 -12.74 -22.85 27.34
N LYS A 84 -12.64 -23.94 28.11
CA LYS A 84 -11.81 -24.00 29.29
C LYS A 84 -10.56 -24.83 29.00
N PHE A 85 -9.40 -24.30 29.36
CA PHE A 85 -8.15 -25.00 29.08
C PHE A 85 -8.04 -26.31 29.83
N GLN A 86 -8.75 -26.47 30.94
CA GLN A 86 -8.83 -27.78 31.59
C GLN A 86 -9.47 -28.82 30.67
N GLU A 87 -10.57 -28.43 30.00
CA GLU A 87 -11.17 -29.31 29.01
C GLU A 87 -10.24 -29.52 27.82
N PHE A 88 -9.41 -28.52 27.49
CA PHE A 88 -8.44 -28.70 26.43
C PHE A 88 -7.42 -29.77 26.79
N LEU A 89 -6.91 -29.74 28.02
CA LEU A 89 -5.87 -30.69 28.39
C LEU A 89 -6.42 -32.08 28.69
N ASP A 90 -7.63 -32.19 29.28
CA ASP A 90 -8.16 -33.51 29.56
C ASP A 90 -8.63 -34.24 28.30
N ARG A 91 -8.66 -33.55 27.16
CA ARG A 91 -9.00 -34.23 25.90
C ARG A 91 -8.01 -35.33 25.58
N PHE A 92 -6.74 -35.18 25.98
CA PHE A 92 -5.73 -36.19 25.73
C PHE A 92 -4.86 -36.46 26.96
N GLY A 93 -5.31 -36.10 28.14
CA GLY A 93 -4.56 -36.37 29.36
C GLY A 93 -3.24 -35.65 29.49
N ILE A 94 -3.21 -34.35 29.18
CA ILE A 94 -1.98 -33.57 29.29
C ILE A 94 -1.82 -33.10 30.73
N TYR A 95 -0.62 -33.30 31.28
CA TYR A 95 -0.34 -32.94 32.66
C TYR A 95 -0.35 -31.42 32.85
N TYR A 96 -0.44 -31.02 34.11
CA TYR A 96 -0.55 -29.61 34.48
C TYR A 96 0.80 -28.99 34.81
N GLN A 97 1.48 -29.52 35.84
CA GLN A 97 2.73 -29.00 36.41
C GLN A 97 2.82 -27.48 36.37
N PRO A 98 1.98 -26.79 37.15
CA PRO A 98 1.85 -25.33 36.99
C PRO A 98 3.18 -24.61 37.15
N SER A 99 3.35 -23.56 36.36
CA SER A 99 4.60 -22.81 36.33
C SER A 99 4.62 -21.74 37.41
N THR A 100 5.84 -21.28 37.73
CA THR A 100 6.02 -20.22 38.72
C THR A 100 5.74 -18.85 38.15
N ASN A 101 5.68 -18.71 36.82
CA ASN A 101 5.44 -17.40 36.22
C ASN A 101 4.07 -16.86 36.59
N LYS A 102 3.04 -17.71 36.52
CA LYS A 102 1.65 -17.37 36.86
C LYS A 102 1.06 -16.35 35.89
N ASN A 103 1.46 -15.09 36.03
CA ASN A 103 0.91 -14.03 35.17
C ASN A 103 1.26 -14.28 33.71
N ALA A 104 2.49 -14.69 33.43
CA ALA A 104 2.88 -14.97 32.05
C ALA A 104 2.10 -16.16 31.49
N GLU A 105 2.08 -17.27 32.22
CA GLU A 105 1.30 -18.43 31.81
C GLU A 105 1.15 -19.36 33.00
N LEU A 106 0.18 -20.27 32.89
CA LEU A 106 -0.10 -21.25 33.93
C LEU A 106 0.39 -22.65 33.60
N PHE A 107 0.56 -22.97 32.32
CA PHE A 107 0.96 -24.29 31.86
C PHE A 107 2.14 -24.15 30.91
N LYS A 108 3.18 -24.93 31.13
CA LYS A 108 4.37 -24.87 30.29
C LYS A 108 4.16 -25.69 29.03
N VAL A 109 4.56 -25.15 27.89
CA VAL A 109 4.45 -25.87 26.62
C VAL A 109 5.41 -27.05 26.67
N ALA A 110 4.87 -28.27 26.66
CA ALA A 110 5.68 -29.48 26.79
C ALA A 110 6.23 -29.93 25.44
N ASP A 111 6.93 -29.03 24.75
CA ASP A 111 7.59 -29.32 23.49
C ASP A 111 6.61 -29.88 22.45
N SER A 112 6.70 -31.18 22.18
CA SER A 112 5.88 -31.82 21.16
C SER A 112 4.55 -32.34 21.73
N ASP A 113 4.10 -31.79 22.85
CA ASP A 113 2.81 -32.21 23.40
C ASP A 113 1.65 -31.77 22.51
N ILE A 114 1.80 -30.64 21.83
CA ILE A 114 0.76 -30.19 20.90
C ILE A 114 0.77 -31.06 19.66
N PRO A 115 -0.38 -31.55 19.18
CA PRO A 115 -0.42 -32.43 18.01
C PRO A 115 -0.32 -31.70 16.67
N SER A 116 0.68 -30.82 16.55
CA SER A 116 0.82 -30.03 15.34
C SER A 116 1.14 -30.90 14.13
N ALA A 117 1.88 -31.99 14.32
CA ALA A 117 2.30 -32.82 13.20
C ALA A 117 1.17 -33.68 12.65
N GLU A 118 0.26 -34.14 13.51
CA GLU A 118 -0.76 -35.10 13.10
C GLU A 118 -2.09 -34.44 12.69
N VAL A 119 -2.19 -33.12 12.75
CA VAL A 119 -3.34 -32.44 12.16
C VAL A 119 -3.12 -32.33 10.65
N LYS A 120 -4.12 -32.77 9.88
CA LYS A 120 -3.99 -32.85 8.43
C LYS A 120 -5.10 -32.14 7.68
N ALA A 121 -6.03 -31.47 8.36
CA ALA A 121 -7.07 -30.75 7.66
C ALA A 121 -7.54 -29.59 8.53
N TYR A 122 -8.19 -28.63 7.90
CA TYR A 122 -8.68 -27.42 8.57
C TYR A 122 -10.14 -27.19 8.22
N TYR A 123 -10.93 -26.84 9.23
CA TYR A 123 -12.30 -26.40 9.02
C TYR A 123 -12.34 -24.88 9.02
N VAL A 124 -13.08 -24.29 8.08
CA VAL A 124 -13.18 -22.84 7.99
C VAL A 124 -14.63 -22.46 7.74
N LYS A 125 -15.07 -21.36 8.36
CA LYS A 125 -16.39 -20.79 8.14
C LYS A 125 -16.20 -19.48 7.38
N GLU A 126 -16.65 -19.44 6.13
CA GLU A 126 -16.49 -18.27 5.28
C GLU A 126 -17.87 -17.75 4.90
N GLU A 127 -18.08 -16.45 5.07
CA GLU A 127 -19.35 -15.82 4.77
C GLU A 127 -19.18 -15.01 3.48
N TRP A 128 -19.63 -15.58 2.37
CA TRP A 128 -19.72 -14.83 1.13
C TRP A 128 -20.83 -13.80 1.28
N TYR A 129 -20.49 -12.53 1.13
CA TYR A 129 -21.43 -11.45 1.40
C TYR A 129 -21.39 -10.44 0.26
N PHE A 130 -22.56 -10.01 -0.19
CA PHE A 130 -22.66 -8.88 -1.09
C PHE A 130 -22.31 -7.59 -0.33
N THR A 131 -22.21 -6.49 -1.07
CA THR A 131 -21.96 -5.23 -0.41
C THR A 131 -23.00 -4.20 -0.85
N PRO A 132 -23.53 -3.42 0.08
CA PRO A 132 -24.56 -2.43 -0.26
C PRO A 132 -24.02 -1.14 -0.86
N THR A 133 -22.70 -1.02 -1.01
CA THR A 133 -22.09 0.22 -1.49
C THR A 133 -21.39 0.04 -2.83
N ASN A 134 -20.51 -0.95 -2.95
CA ASN A 134 -19.73 -1.15 -4.17
C ASN A 134 -20.13 -2.40 -4.95
N SER A 135 -21.08 -3.19 -4.41
CA SER A 135 -21.65 -4.33 -5.13
C SER A 135 -20.59 -5.31 -5.62
N ASP A 136 -19.62 -5.61 -4.75
CA ASP A 136 -18.60 -6.61 -5.02
C ASP A 136 -18.77 -7.79 -4.07
N VAL A 137 -18.85 -8.99 -4.64
CA VAL A 137 -18.88 -10.19 -3.82
C VAL A 137 -17.56 -10.34 -3.10
N ASP A 138 -17.62 -10.57 -1.78
CA ASP A 138 -16.43 -10.68 -0.96
C ASP A 138 -16.62 -11.78 0.06
N ILE A 139 -15.59 -12.00 0.89
CA ILE A 139 -15.59 -13.06 1.89
C ILE A 139 -15.10 -12.47 3.21
N LYS A 140 -15.69 -12.95 4.30
CA LYS A 140 -15.29 -12.55 5.65
C LYS A 140 -15.12 -13.80 6.50
N ILE A 141 -13.90 -14.01 7.00
CA ILE A 141 -13.59 -15.19 7.80
C ILE A 141 -13.83 -14.87 9.27
N GLN A 142 -14.52 -15.77 9.97
CA GLN A 142 -14.81 -15.58 11.39
C GLN A 142 -14.46 -16.77 12.27
N ALA A 143 -14.29 -17.98 11.74
CA ALA A 143 -14.12 -19.13 12.61
C ALA A 143 -13.40 -20.25 11.86
N ILE A 144 -12.61 -21.02 12.62
CA ILE A 144 -11.85 -22.14 12.08
C ILE A 144 -11.73 -23.23 13.14
N CYS A 145 -11.36 -24.44 12.70
CA CYS A 145 -11.10 -25.59 13.57
C CYS A 145 -9.85 -26.32 13.10
N PRO A 146 -8.91 -26.60 14.00
CA PRO A 146 -7.82 -27.56 13.76
C PRO A 146 -8.29 -28.98 14.12
N ILE A 147 -9.03 -29.60 13.20
CA ILE A 147 -9.65 -30.87 13.50
C ILE A 147 -8.59 -31.93 13.75
N MET A 148 -8.74 -32.66 14.85
CA MET A 148 -7.76 -33.66 15.29
C MET A 148 -7.92 -34.90 14.42
N THR A 149 -7.17 -34.93 13.31
CA THR A 149 -7.23 -36.04 12.37
C THR A 149 -6.32 -37.16 12.85
N GLY A 150 -6.82 -37.88 13.85
CA GLY A 150 -6.08 -38.98 14.42
C GLY A 150 -6.01 -40.18 13.48
N GLN A 151 -5.12 -41.11 13.81
CA GLN A 151 -4.88 -42.30 13.01
C GLN A 151 -5.11 -43.52 13.91
N ASP A 152 -6.30 -44.11 13.80
CA ASP A 152 -6.63 -45.31 14.54
C ASP A 152 -6.20 -46.55 13.74
N GLU A 153 -6.66 -47.72 14.16
CA GLU A 153 -6.24 -48.97 13.52
C GLU A 153 -6.72 -49.03 12.07
N PHE A 154 -7.95 -48.61 11.80
CA PHE A 154 -8.54 -48.72 10.47
C PHE A 154 -8.33 -47.47 9.62
N GLY A 155 -7.58 -46.48 10.11
CA GLY A 155 -7.28 -45.31 9.33
C GLY A 155 -8.37 -44.26 9.25
N GLU A 156 -9.44 -44.40 10.03
CA GLU A 156 -10.49 -43.40 10.05
C GLU A 156 -9.96 -42.07 10.60
N VAL A 157 -10.56 -40.97 10.14
CA VAL A 157 -10.09 -39.65 10.54
C VAL A 157 -10.24 -39.44 12.05
N ARG A 158 -11.23 -40.08 12.67
CA ARG A 158 -11.52 -39.99 14.10
C ARG A 158 -11.31 -38.58 14.63
N ASN A 159 -12.03 -37.64 14.02
CA ASN A 159 -11.85 -36.23 14.34
C ASN A 159 -12.46 -35.88 15.69
N GLN A 160 -11.68 -35.22 16.53
CA GLN A 160 -12.18 -34.58 17.75
C GLN A 160 -11.92 -33.09 17.65
N PRO A 161 -12.89 -32.29 17.22
CA PRO A 161 -12.65 -30.84 17.08
C PRO A 161 -12.31 -30.22 18.42
N LEU A 162 -11.09 -29.67 18.51
CA LEU A 162 -10.63 -29.11 19.78
C LEU A 162 -11.46 -27.92 20.21
N PHE A 163 -11.61 -26.92 19.34
CA PHE A 163 -12.28 -25.67 19.69
C PHE A 163 -12.42 -24.72 18.50
N TRP A 164 -13.08 -23.59 18.73
CA TRP A 164 -13.54 -22.67 17.71
C TRP A 164 -12.78 -21.35 17.87
N ILE A 165 -11.89 -21.05 16.93
CA ILE A 165 -11.08 -19.82 16.98
C ILE A 165 -11.81 -18.73 16.23
N PRO A 166 -12.19 -17.63 16.89
CA PRO A 166 -12.72 -16.47 16.16
C PRO A 166 -11.59 -15.73 15.46
N TYR A 167 -11.79 -15.43 14.17
CA TYR A 167 -10.73 -14.81 13.38
C TYR A 167 -10.40 -13.41 13.88
N GLU A 168 -11.40 -12.67 14.35
CA GLU A 168 -11.16 -11.30 14.81
C GLU A 168 -10.20 -11.27 16.00
N ASN A 169 -10.27 -12.29 16.85
CA ASN A 169 -9.40 -12.32 18.03
C ASN A 169 -7.97 -12.70 17.69
N ILE A 170 -7.78 -13.62 16.74
CA ILE A 170 -6.44 -14.10 16.41
C ILE A 170 -5.77 -13.18 15.40
N ARG A 171 -6.54 -12.34 14.70
CA ARG A 171 -5.98 -11.46 13.68
C ARG A 171 -4.80 -10.61 14.17
N PRO A 172 -4.83 -9.97 15.34
CA PRO A 172 -3.65 -9.21 15.77
C PRO A 172 -2.40 -10.06 15.94
N TYR A 173 -2.54 -11.33 16.31
CA TYR A 173 -1.42 -12.22 16.52
C TYR A 173 -1.03 -13.00 15.28
N ILE A 174 -1.57 -12.64 14.12
CA ILE A 174 -1.27 -13.34 12.87
C ILE A 174 -0.75 -12.33 11.85
N ALA A 175 -1.15 -11.06 12.01
CA ALA A 175 -0.72 -10.02 11.07
C ALA A 175 0.76 -9.70 11.15
N ARG A 176 1.47 -10.20 12.17
CA ARG A 176 2.90 -9.96 12.32
C ARG A 176 3.74 -11.10 11.80
N GLU A 177 3.38 -12.34 12.11
CA GLU A 177 4.12 -13.50 11.63
C GLU A 177 3.92 -13.65 10.12
N ARG A 178 5.02 -13.66 9.37
CA ARG A 178 5.01 -13.54 7.92
C ARG A 178 5.74 -14.70 7.25
N VAL A 179 5.37 -15.92 7.64
CA VAL A 179 6.07 -17.11 7.15
C VAL A 179 5.95 -17.24 5.63
N MET A 180 6.84 -18.06 5.07
CA MET A 180 6.88 -18.34 3.64
C MET A 180 5.60 -19.04 3.18
N LEU A 181 5.29 -18.86 1.89
CA LEU A 181 3.99 -19.26 1.33
C LEU A 181 4.10 -20.38 0.31
N SER A 182 4.87 -20.19 -0.76
CA SER A 182 4.91 -21.13 -1.88
C SER A 182 6.31 -21.72 -2.00
N SER A 183 6.39 -23.05 -2.07
CA SER A 183 7.68 -23.73 -1.99
C SER A 183 8.60 -23.32 -3.13
N LEU A 184 8.04 -23.09 -4.32
CA LEU A 184 8.87 -22.76 -5.47
C LEU A 184 9.43 -21.35 -5.40
N ASN A 185 9.12 -20.58 -4.36
CA ASN A 185 9.72 -19.27 -4.14
C ASN A 185 10.43 -19.17 -2.80
N ASN A 186 9.87 -19.74 -1.74
CA ASN A 186 10.52 -19.80 -0.42
C ASN A 186 10.92 -18.41 0.07
N THR A 187 10.05 -17.44 -0.16
CA THR A 187 10.29 -16.05 0.25
C THR A 187 9.36 -15.68 1.39
N ARG A 188 9.89 -14.92 2.36
CA ARG A 188 9.11 -14.43 3.49
C ARG A 188 8.59 -13.04 3.14
N ASN A 189 7.56 -13.01 2.30
CA ASN A 189 6.99 -11.76 1.81
C ASN A 189 5.50 -11.60 2.09
N SER A 190 4.81 -12.65 2.49
CA SER A 190 3.38 -12.59 2.74
C SER A 190 3.08 -13.13 4.14
N THR A 191 2.29 -12.39 4.90
CA THR A 191 1.88 -12.85 6.21
C THR A 191 0.74 -13.86 6.08
N ILE A 192 0.53 -14.62 7.16
CA ILE A 192 -0.55 -15.60 7.19
C ILE A 192 -1.89 -14.89 7.12
N ASP A 193 -1.97 -13.67 7.64
CA ASP A 193 -3.17 -12.85 7.46
C ASP A 193 -3.44 -12.61 5.98
N ASP A 194 -2.39 -12.39 5.20
CA ASP A 194 -2.56 -12.28 3.76
C ASP A 194 -3.00 -13.61 3.16
N PHE A 195 -2.55 -14.73 3.72
CA PHE A 195 -2.97 -16.04 3.24
C PHE A 195 -4.47 -16.23 3.41
N PHE A 196 -4.99 -15.86 4.58
CA PHE A 196 -6.42 -16.01 4.82
C PHE A 196 -7.22 -14.97 4.03
N ARG A 197 -6.76 -13.72 4.01
CA ARG A 197 -7.51 -12.65 3.36
C ARG A 197 -7.58 -12.85 1.85
N LEU A 198 -6.59 -13.52 1.25
CA LEU A 198 -6.53 -13.66 -0.19
C LEU A 198 -7.26 -14.89 -0.70
N ASN A 199 -7.88 -15.67 0.18
CA ASN A 199 -8.70 -16.83 -0.20
C ASN A 199 -7.88 -17.84 -1.00
N LEU A 200 -6.88 -18.41 -0.32
CA LEU A 200 -6.01 -19.42 -0.91
C LEU A 200 -6.16 -20.79 -0.27
N TYR A 201 -7.12 -20.97 0.64
CA TYR A 201 -7.34 -22.25 1.31
C TYR A 201 -8.26 -23.15 0.47
N LYS A 202 -7.78 -23.50 -0.71
CA LYS A 202 -8.57 -24.25 -1.67
C LYS A 202 -8.85 -25.65 -1.13
N GLY A 203 -10.11 -25.95 -0.86
CA GLY A 203 -10.51 -27.24 -0.33
C GLY A 203 -11.87 -27.63 -0.87
N ASP A 204 -12.64 -28.33 -0.04
CA ASP A 204 -13.97 -28.80 -0.44
C ASP A 204 -14.98 -28.47 0.65
N ILE A 205 -16.19 -28.12 0.23
CA ILE A 205 -17.23 -27.68 1.15
C ILE A 205 -17.82 -28.89 1.87
N VAL A 206 -17.86 -28.82 3.20
CA VAL A 206 -18.42 -29.93 3.98
C VAL A 206 -19.94 -29.78 4.10
N LYS A 207 -20.41 -28.57 4.43
CA LYS A 207 -21.84 -28.31 4.55
C LYS A 207 -22.05 -26.81 4.72
N THR A 208 -23.20 -26.33 4.23
CA THR A 208 -23.59 -24.95 4.38
C THR A 208 -24.51 -24.79 5.58
N GLU A 209 -24.86 -23.53 5.90
CA GLU A 209 -25.83 -23.24 6.96
C GLU A 209 -27.24 -23.42 6.40
N ASN A 210 -27.57 -24.66 6.12
CA ASN A 210 -28.86 -25.00 5.56
C ASN A 210 -29.97 -24.84 6.60
N LEU A 211 -31.21 -24.76 6.10
CA LEU A 211 -32.36 -24.71 7.00
C LEU A 211 -32.48 -25.99 7.82
N HIS A 212 -32.26 -27.15 7.18
CA HIS A 212 -32.31 -28.42 7.88
C HIS A 212 -31.12 -28.64 8.80
N ASN A 213 -30.10 -27.78 8.75
CA ASN A 213 -28.88 -27.92 9.54
C ASN A 213 -28.22 -29.27 9.30
N ARG A 214 -28.24 -29.71 8.05
CA ARG A 214 -27.74 -31.03 7.68
C ARG A 214 -26.27 -30.92 7.24
N ALA A 215 -25.73 -32.03 6.75
CA ALA A 215 -24.36 -32.08 6.26
C ALA A 215 -24.29 -33.00 5.04
N LEU A 216 -23.13 -32.99 4.37
CA LEU A 216 -22.94 -33.83 3.20
C LEU A 216 -22.97 -35.32 3.54
N ALA A 217 -22.74 -35.68 4.81
CA ALA A 217 -22.78 -37.08 5.19
C ALA A 217 -24.17 -37.69 5.05
N GLU A 218 -25.22 -36.86 5.11
CA GLU A 218 -26.58 -37.36 4.95
C GLU A 218 -26.85 -37.87 3.54
N TYR A 219 -26.03 -37.48 2.57
CA TYR A 219 -26.17 -37.93 1.19
C TYR A 219 -25.55 -39.33 1.04
N CYS A 220 -25.32 -39.74 -0.20
CA CYS A 220 -24.77 -41.07 -0.46
C CYS A 220 -23.43 -41.23 0.24
N PRO A 221 -23.19 -42.34 0.95
CA PRO A 221 -21.97 -42.46 1.74
C PRO A 221 -20.69 -42.48 0.93
N THR A 222 -20.78 -42.73 -0.38
CA THR A 222 -19.59 -42.80 -1.20
C THR A 222 -18.87 -41.45 -1.22
N PRO A 223 -17.54 -41.43 -1.19
CA PRO A 223 -16.82 -40.15 -1.25
C PRO A 223 -17.10 -39.36 -2.51
N ASP A 224 -17.39 -40.04 -3.63
CA ASP A 224 -17.72 -39.32 -4.86
C ASP A 224 -18.96 -38.46 -4.67
N SER A 225 -19.88 -38.85 -3.78
CA SER A 225 -21.00 -37.99 -3.44
C SER A 225 -20.54 -36.71 -2.78
N MET A 226 -19.56 -36.81 -1.86
CA MET A 226 -18.98 -35.61 -1.27
C MET A 226 -18.35 -34.72 -2.33
N LYS A 227 -17.58 -35.32 -3.25
CA LYS A 227 -16.93 -34.52 -4.29
C LYS A 227 -17.97 -33.83 -5.17
N MET A 228 -19.01 -34.55 -5.59
CA MET A 228 -20.01 -33.97 -6.47
C MET A 228 -20.81 -32.89 -5.76
N GLU A 229 -21.10 -33.07 -4.47
CA GLU A 229 -21.82 -32.04 -3.73
C GLU A 229 -20.96 -30.80 -3.54
N SER A 230 -19.68 -30.99 -3.23
CA SER A 230 -18.78 -29.84 -3.08
C SER A 230 -18.67 -29.08 -4.39
N LYS A 231 -18.51 -29.79 -5.51
CA LYS A 231 -18.43 -29.11 -6.80
C LYS A 231 -19.76 -28.47 -7.16
N ARG A 232 -20.88 -29.05 -6.74
CA ARG A 232 -22.18 -28.43 -6.98
C ARG A 232 -22.30 -27.10 -6.24
N ILE A 233 -21.89 -27.07 -4.97
CA ILE A 233 -21.91 -25.83 -4.22
C ILE A 233 -20.98 -24.81 -4.86
N ASP A 234 -19.78 -25.24 -5.25
CA ASP A 234 -18.83 -24.32 -5.85
C ASP A 234 -19.39 -23.71 -7.14
N LYS A 235 -19.98 -24.54 -8.01
CA LYS A 235 -20.51 -23.99 -9.25
C LYS A 235 -21.77 -23.18 -9.01
N GLU A 236 -22.50 -23.44 -7.91
CA GLU A 236 -23.67 -22.61 -7.63
C GLU A 236 -23.25 -21.22 -7.17
N LEU A 237 -22.20 -21.11 -6.36
CA LEU A 237 -21.69 -19.78 -6.03
C LEU A 237 -21.06 -19.11 -7.26
N GLN A 238 -20.39 -19.90 -8.11
CA GLN A 238 -19.85 -19.32 -9.34
C GLN A 238 -20.98 -18.80 -10.24
N GLY A 239 -22.09 -19.52 -10.31
CA GLY A 239 -23.24 -19.04 -11.06
C GLY A 239 -23.89 -17.83 -10.43
N PHE A 240 -23.89 -17.75 -9.10
CA PHE A 240 -24.36 -16.53 -8.43
C PHE A 240 -23.52 -15.34 -8.84
N ARG A 241 -22.19 -15.52 -8.88
CA ARG A 241 -21.32 -14.44 -9.35
C ARG A 241 -21.56 -14.13 -10.82
N ASP A 242 -21.82 -15.17 -11.63
CA ASP A 242 -22.00 -14.98 -13.06
C ASP A 242 -23.33 -14.31 -13.39
N GLY A 243 -24.30 -14.42 -12.49
CA GLY A 243 -25.62 -13.84 -12.74
C GLY A 243 -25.61 -12.33 -12.84
N LEU A 244 -24.55 -11.68 -12.38
CA LEU A 244 -24.41 -10.23 -12.49
C LEU A 244 -23.67 -9.80 -13.75
N PHE A 245 -23.32 -10.74 -14.63
CA PHE A 245 -22.60 -10.42 -15.84
C PHE A 245 -23.55 -9.80 -16.87
N VAL A 246 -23.15 -8.65 -17.41
CA VAL A 246 -23.93 -7.98 -18.44
C VAL A 246 -23.04 -7.68 -19.64
N THR A 247 -21.99 -8.49 -19.80
CA THR A 247 -20.98 -8.24 -20.82
C THR A 247 -20.87 -9.39 -21.81
N GLN A 248 -22.00 -9.89 -22.28
CA GLN A 248 -22.03 -11.02 -23.20
C GLN A 248 -21.89 -10.54 -24.64
N ASP A 249 -21.44 -11.47 -25.50
CA ASP A 249 -21.28 -11.22 -26.94
C ASP A 249 -20.34 -10.05 -27.20
N THR A 250 -19.09 -10.20 -26.74
CA THR A 250 -18.04 -9.22 -26.97
C THR A 250 -17.04 -9.67 -28.02
N THR A 251 -17.32 -10.78 -28.72
CA THR A 251 -16.38 -11.31 -29.70
C THR A 251 -16.19 -10.34 -30.88
N TRP A 252 -17.28 -9.72 -31.34
CA TRP A 252 -17.24 -8.81 -32.48
C TRP A 252 -16.65 -9.48 -33.72
N MET A 253 -17.06 -10.72 -33.97
CA MET A 253 -16.60 -11.48 -35.12
C MET A 253 -17.76 -11.80 -36.04
N LYS A 254 -17.48 -11.87 -37.34
CA LYS A 254 -18.49 -12.18 -38.33
C LYS A 254 -18.06 -13.37 -39.19
N GLU B 1 -9.75 25.96 -21.49
CA GLU B 1 -9.48 24.91 -20.52
C GLU B 1 -8.04 25.02 -20.05
N PRO B 2 -7.76 24.78 -18.76
CA PRO B 2 -6.39 24.83 -18.26
C PRO B 2 -5.42 23.98 -19.09
N SER B 3 -5.71 22.67 -19.19
CA SER B 3 -4.94 21.72 -19.98
C SER B 3 -3.44 21.89 -19.74
N PRO B 4 -2.93 21.47 -18.59
CA PRO B 4 -1.52 21.74 -18.25
C PRO B 4 -0.58 21.13 -19.28
N PHE B 5 0.51 21.87 -19.55
CA PHE B 5 1.49 21.41 -20.52
C PHE B 5 2.23 20.18 -20.01
N GLY B 6 2.59 19.30 -20.94
CA GLY B 6 3.22 18.05 -20.58
C GLY B 6 2.29 17.01 -19.99
N MET B 7 0.98 17.27 -20.00
CA MET B 7 -0.01 16.36 -19.47
C MET B 7 -0.75 15.65 -20.59
N ILE B 8 -1.36 14.52 -20.24
CA ILE B 8 -2.21 13.75 -21.14
C ILE B 8 -3.47 13.38 -20.38
N GLN B 9 -4.63 13.59 -21.02
CA GLN B 9 -5.92 13.32 -20.40
C GLN B 9 -6.30 11.88 -20.68
N VAL B 10 -6.00 11.00 -19.73
CA VAL B 10 -6.43 9.61 -19.86
C VAL B 10 -7.90 9.52 -19.41
N PRO B 11 -8.77 8.94 -20.22
CA PRO B 11 -10.20 8.92 -19.91
C PRO B 11 -10.53 7.86 -18.87
N ARG B 12 -11.79 7.84 -18.46
CA ARG B 12 -12.28 6.83 -17.55
C ARG B 12 -12.40 5.49 -18.25
N GLY B 13 -12.36 4.42 -17.45
CA GLY B 13 -12.43 3.08 -18.01
C GLY B 13 -12.33 2.04 -16.93
N SER B 14 -12.09 0.80 -17.36
CA SER B 14 -11.97 -0.33 -16.45
C SER B 14 -10.82 -1.21 -16.87
N ILE B 15 -10.24 -1.93 -15.91
CA ILE B 15 -9.10 -2.80 -16.16
C ILE B 15 -9.23 -4.01 -15.24
N VAL B 16 -8.77 -5.17 -15.73
CA VAL B 16 -8.80 -6.38 -14.92
C VAL B 16 -7.87 -6.25 -13.73
N LEU B 17 -6.81 -5.45 -13.85
CA LEU B 17 -5.91 -5.09 -12.75
C LEU B 17 -5.27 -6.35 -12.15
N GLY B 18 -4.48 -7.01 -12.98
CA GLY B 18 -3.71 -8.15 -12.54
C GLY B 18 -3.46 -9.11 -13.68
N ASN B 19 -3.00 -10.30 -13.33
CA ASN B 19 -2.73 -11.36 -14.29
C ASN B 19 -3.31 -12.66 -13.75
N LYS B 20 -4.13 -13.32 -14.56
CA LYS B 20 -4.81 -14.54 -14.10
C LYS B 20 -3.82 -15.68 -13.95
N GLU B 21 -3.15 -16.08 -15.03
CA GLU B 21 -2.22 -17.19 -14.95
C GLU B 21 -1.00 -16.80 -14.12
N ALA B 22 -0.45 -17.77 -13.41
CA ALA B 22 0.65 -17.56 -12.48
C ALA B 22 1.89 -18.30 -12.96
N ASP B 23 3.04 -17.64 -12.88
CA ASP B 23 4.31 -18.29 -13.17
C ASP B 23 4.63 -19.28 -12.06
N SER B 24 4.56 -20.57 -12.37
CA SER B 24 4.83 -21.59 -11.36
C SER B 24 6.26 -21.49 -10.84
N LEU B 25 7.19 -21.17 -11.73
CA LEU B 25 8.59 -21.02 -11.32
C LEU B 25 8.73 -19.90 -10.28
N TRP B 26 8.07 -18.77 -10.52
CA TRP B 26 8.11 -17.67 -9.56
C TRP B 26 7.36 -18.00 -8.28
N GLY B 27 6.39 -18.92 -8.33
CA GLY B 27 5.68 -19.32 -7.14
C GLY B 27 4.83 -18.23 -6.51
N ILE B 28 4.09 -17.48 -7.31
CA ILE B 28 3.21 -16.45 -6.79
C ILE B 28 1.74 -16.81 -7.06
N PRO B 29 0.81 -16.40 -6.19
CA PRO B 29 -0.61 -16.66 -6.47
C PRO B 29 -1.13 -15.96 -7.71
N ALA B 30 -0.63 -14.77 -8.01
CA ALA B 30 -1.10 -13.95 -9.13
C ALA B 30 -2.60 -13.67 -9.02
N GLU B 31 -2.97 -12.97 -7.95
CA GLU B 31 -4.36 -12.63 -7.69
C GLU B 31 -4.75 -11.39 -8.48
N SER B 32 -5.99 -11.38 -8.96
CA SER B 32 -6.51 -10.27 -9.76
C SER B 32 -7.99 -10.08 -9.48
N ARG B 33 -8.45 -8.84 -9.67
CA ARG B 33 -9.87 -8.50 -9.56
C ARG B 33 -10.13 -7.25 -10.38
N PRO B 34 -11.24 -7.20 -11.11
CA PRO B 34 -11.52 -6.03 -11.95
C PRO B 34 -11.71 -4.77 -11.12
N ILE B 35 -11.32 -3.64 -11.72
CA ILE B 35 -11.39 -2.34 -11.04
C ILE B 35 -11.56 -1.27 -12.11
N SER B 36 -12.44 -0.31 -11.84
CA SER B 36 -12.73 0.79 -12.76
C SER B 36 -12.25 2.10 -12.17
N VAL B 37 -11.69 2.95 -13.03
CA VAL B 37 -11.13 4.23 -12.62
C VAL B 37 -11.67 5.33 -13.53
N ASP B 38 -11.62 6.56 -13.01
CA ASP B 38 -12.11 7.72 -13.74
C ASP B 38 -11.00 8.34 -14.59
N ALA B 39 -11.24 9.52 -15.13
CA ALA B 39 -10.32 10.20 -16.01
C ALA B 39 -9.42 11.15 -15.22
N PHE B 40 -8.20 11.35 -15.71
CA PHE B 40 -7.27 12.22 -15.01
C PHE B 40 -6.12 12.61 -15.94
N TRP B 41 -5.37 13.63 -15.54
CA TRP B 41 -4.19 14.07 -16.27
C TRP B 41 -2.94 13.41 -15.71
N MET B 42 -2.19 12.74 -16.58
CA MET B 42 -0.91 12.12 -16.25
C MET B 42 0.18 12.71 -17.13
N ASP B 43 1.32 13.04 -16.53
CA ASP B 43 2.42 13.59 -17.32
C ASP B 43 3.03 12.50 -18.18
N ARG B 44 3.22 12.80 -19.47
CA ARG B 44 3.69 11.79 -20.42
C ARG B 44 5.08 11.29 -20.07
N THR B 45 5.96 12.20 -19.68
CA THR B 45 7.34 11.86 -19.35
C THR B 45 7.52 11.80 -17.84
N GLU B 46 8.34 10.86 -17.38
CA GLU B 46 8.73 10.86 -15.98
C GLU B 46 9.41 12.18 -15.65
N ILE B 47 9.14 12.68 -14.45
CA ILE B 47 9.67 13.98 -14.05
C ILE B 47 11.19 13.95 -14.14
N THR B 48 11.74 14.76 -15.04
CA THR B 48 13.16 14.71 -15.37
C THR B 48 13.99 15.46 -14.34
N ASN B 49 15.30 15.48 -14.56
CA ASN B 49 16.18 16.26 -13.70
C ASN B 49 15.94 17.75 -13.86
N ALA B 50 15.45 18.19 -15.03
CA ALA B 50 15.19 19.61 -15.23
C ALA B 50 14.08 20.11 -14.33
N GLN B 51 12.99 19.36 -14.20
CA GLN B 51 11.87 19.82 -13.39
C GLN B 51 12.22 19.82 -11.91
N TYR B 52 12.83 18.74 -11.43
CA TYR B 52 13.24 18.70 -10.03
C TYR B 52 14.33 19.74 -9.76
N ARG B 53 15.16 20.04 -10.75
CA ARG B 53 16.12 21.12 -10.60
C ARG B 53 15.43 22.47 -10.50
N GLN B 54 14.35 22.67 -11.25
CA GLN B 54 13.54 23.88 -11.06
C GLN B 54 12.98 23.95 -9.65
N PHE B 55 12.51 22.81 -9.14
CA PHE B 55 11.98 22.78 -7.77
C PHE B 55 13.05 23.14 -6.75
N VAL B 56 14.25 22.57 -6.90
CA VAL B 56 15.31 22.86 -5.93
C VAL B 56 15.80 24.28 -6.09
N TYR B 57 15.78 24.83 -7.31
CA TYR B 57 16.10 26.24 -7.50
C TYR B 57 15.09 27.12 -6.78
N TYR B 58 13.80 26.78 -6.87
CA TYR B 58 12.77 27.53 -6.16
C TYR B 58 13.01 27.49 -4.66
N VAL B 59 13.25 26.29 -4.12
CA VAL B 59 13.39 26.18 -2.67
C VAL B 59 14.67 26.86 -2.20
N ARG B 60 15.74 26.81 -3.01
CA ARG B 60 16.96 27.54 -2.66
C ARG B 60 16.75 29.04 -2.70
N ASP B 61 15.97 29.50 -3.69
CA ASP B 61 15.68 30.94 -3.81
C ASP B 61 15.05 31.44 -2.51
N SER B 62 13.92 30.85 -2.10
CA SER B 62 13.20 31.34 -0.89
C SER B 62 14.02 31.04 0.37
N ILE B 63 14.82 29.97 0.37
CA ILE B 63 15.69 29.68 1.55
C ILE B 63 16.61 30.89 1.78
N ILE B 64 17.37 31.29 0.75
CA ILE B 64 18.31 32.44 0.89
C ILE B 64 17.49 33.73 1.05
N ARG B 65 16.31 33.81 0.43
CA ARG B 65 15.44 34.99 0.63
C ARG B 65 15.16 35.13 2.13
N GLU B 66 14.77 34.02 2.77
CA GLU B 66 14.48 34.04 4.24
C GLU B 66 15.78 34.37 5.00
N ARG B 67 16.90 33.76 4.62
CA ARG B 67 18.15 34.00 5.35
C ARG B 67 18.56 35.46 5.26
N LEU B 68 18.48 36.05 4.06
CA LEU B 68 18.78 37.47 3.93
C LEU B 68 17.73 38.33 4.61
N ALA B 69 16.49 37.82 4.71
CA ALA B 69 15.44 38.54 5.41
C ALA B 69 15.67 38.60 6.91
N ASP B 70 16.45 37.67 7.46
CA ASP B 70 16.77 37.71 8.88
C ASP B 70 17.59 38.96 9.18
N PRO B 71 17.27 39.69 10.25
CA PRO B 71 18.07 40.89 10.57
C PRO B 71 19.53 40.57 10.86
N ALA B 72 19.82 39.39 11.40
CA ALA B 72 21.20 39.03 11.71
C ALA B 72 22.01 38.67 10.47
N TYR B 73 21.35 38.32 9.37
CA TYR B 73 22.06 37.91 8.17
C TYR B 73 21.75 38.82 6.99
N GLY B 74 21.76 40.13 7.22
CA GLY B 74 21.60 41.09 6.15
C GLY B 74 20.55 42.15 6.43
N GLY B 75 19.44 41.74 7.03
CA GLY B 75 18.42 42.69 7.44
C GLY B 75 17.86 43.57 6.33
N ASN B 76 17.64 42.99 5.15
CA ASN B 76 17.06 43.78 4.07
C ASN B 76 15.63 44.19 4.38
N GLU B 77 14.90 43.35 5.11
CA GLU B 77 13.55 43.68 5.60
C GLU B 77 12.62 44.11 4.48
N GLU B 78 12.65 43.38 3.36
CA GLU B 78 11.74 43.68 2.27
C GLU B 78 10.32 43.27 2.67
N TYR B 79 10.10 41.97 2.83
CA TYR B 79 8.86 41.40 3.35
C TYR B 79 7.61 42.12 2.83
N LYS B 80 6.65 42.34 3.74
CA LYS B 80 5.53 43.23 3.46
C LYS B 80 4.97 43.68 4.80
N ILE B 81 5.24 44.93 5.17
CA ILE B 81 4.91 45.44 6.49
C ILE B 81 3.58 46.19 6.41
N THR B 82 3.03 46.51 7.58
CA THR B 82 1.71 47.14 7.68
C THR B 82 1.59 48.38 6.81
N GLU B 83 0.35 48.75 6.46
CA GLU B 83 0.07 49.83 5.53
C GLU B 83 0.58 49.51 4.13
N ASN B 84 0.38 48.27 3.69
CA ASN B 84 0.74 47.86 2.34
C ASN B 84 -0.20 48.56 1.35
N LYS B 85 0.32 49.56 0.64
CA LYS B 85 -0.45 50.34 -0.32
C LYS B 85 -1.70 50.94 0.32
N PHE B 86 -2.83 50.27 0.17
CA PHE B 86 -4.10 50.75 0.71
C PHE B 86 -4.30 50.34 2.17
N GLY B 87 -3.30 50.60 3.00
CA GLY B 87 -3.40 50.35 4.42
C GLY B 87 -3.67 48.92 4.81
N GLU B 88 -2.93 47.97 4.23
CA GLU B 88 -3.17 46.55 4.49
C GLU B 88 -2.06 45.99 5.38
N PRO B 89 -2.33 45.69 6.65
CA PRO B 89 -1.32 45.06 7.53
C PRO B 89 -1.27 43.55 7.34
N VAL B 90 -0.85 43.11 6.15
CA VAL B 90 -0.80 41.70 5.84
C VAL B 90 0.38 41.04 6.56
N THR B 91 0.31 39.72 6.69
CA THR B 91 1.37 38.98 7.37
C THR B 91 2.60 38.91 6.48
N PRO B 92 3.77 39.33 6.97
CA PRO B 92 5.01 39.32 6.16
C PRO B 92 5.76 37.99 6.21
N HIS B 93 5.26 37.00 5.47
CA HIS B 93 5.94 35.71 5.40
C HIS B 93 7.21 35.81 4.56
N LEU B 94 7.06 36.17 3.28
CA LEU B 94 8.22 36.35 2.41
C LEU B 94 7.83 37.26 1.26
N ASP B 95 8.82 38.00 0.77
CA ASP B 95 8.66 38.88 -0.38
C ASP B 95 9.34 38.25 -1.59
N TRP B 96 8.62 38.19 -2.70
CA TRP B 96 9.13 37.58 -3.92
C TRP B 96 9.13 38.53 -5.11
N SER B 97 8.64 39.75 -4.95
CA SER B 97 8.75 40.78 -5.97
C SER B 97 10.00 41.63 -5.79
N LYS B 98 10.81 41.34 -4.77
CA LYS B 98 12.03 42.08 -4.54
C LYS B 98 13.05 41.80 -5.64
N PRO B 99 13.99 42.71 -5.87
CA PRO B 99 15.01 42.47 -6.90
C PRO B 99 15.80 41.19 -6.62
N ILE B 100 16.10 40.46 -7.68
CA ILE B 100 16.77 39.17 -7.53
C ILE B 100 18.15 39.39 -6.93
N PRO B 101 18.60 38.56 -5.99
CA PRO B 101 19.96 38.70 -5.47
C PRO B 101 20.98 38.58 -6.59
N SER B 102 22.02 39.40 -6.51
CA SER B 102 23.01 39.52 -7.56
C SER B 102 24.31 38.84 -7.14
N GLU B 103 24.82 37.96 -8.00
CA GLU B 103 26.11 37.34 -7.76
C GLU B 103 27.23 38.34 -8.00
N LYS B 104 28.42 37.99 -7.50
CA LYS B 104 29.63 38.81 -7.58
C LYS B 104 29.50 40.06 -6.73
N ARG B 105 28.74 41.05 -7.20
CA ARG B 105 28.56 42.29 -6.44
C ARG B 105 27.43 42.10 -5.42
N ALA B 106 27.72 42.47 -4.17
CA ALA B 106 26.77 42.40 -3.06
C ALA B 106 27.48 42.94 -1.83
N THR B 107 26.72 43.10 -0.76
CA THR B 107 27.32 43.41 0.53
C THR B 107 27.79 42.12 1.21
N GLU B 108 28.63 42.28 2.23
CA GLU B 108 29.18 41.12 2.92
C GLU B 108 28.08 40.30 3.58
N GLU B 109 27.10 40.97 4.18
CA GLU B 109 26.02 40.25 4.84
C GLU B 109 25.19 39.44 3.85
N GLU B 110 24.91 40.01 2.67
CA GLU B 110 24.15 39.27 1.65
C GLU B 110 24.91 38.06 1.16
N ILE B 111 26.23 38.20 0.94
CA ILE B 111 27.04 37.08 0.49
C ILE B 111 27.07 35.99 1.57
N ALA B 112 27.21 36.41 2.84
CA ALA B 112 27.20 35.44 3.93
C ALA B 112 25.87 34.71 4.01
N ALA B 113 24.76 35.43 3.86
CA ALA B 113 23.44 34.80 3.88
C ALA B 113 23.29 33.81 2.73
N ILE B 114 23.75 34.18 1.54
CA ILE B 114 23.65 33.28 0.40
C ILE B 114 24.49 32.02 0.64
N ASN B 115 25.71 32.18 1.14
CA ASN B 115 26.59 31.05 1.37
C ASN B 115 26.21 30.24 2.60
N SER B 116 25.31 30.75 3.45
CA SER B 116 24.90 30.00 4.62
C SER B 116 24.26 28.67 4.25
N VAL B 117 23.61 28.60 3.08
CA VAL B 117 23.00 27.35 2.64
C VAL B 117 23.84 26.62 1.60
N TYR B 118 24.82 27.29 1.00
CA TYR B 118 25.74 26.61 0.11
C TYR B 118 26.73 25.77 0.91
N TYR B 119 27.37 24.82 0.24
CA TYR B 119 28.33 23.94 0.88
C TYR B 119 29.55 23.82 -0.01
N THR B 120 30.72 24.15 0.54
CA THR B 120 31.99 24.06 -0.16
C THR B 120 32.80 22.90 0.41
N ASN B 121 33.40 22.12 -0.47
CA ASN B 121 34.14 20.94 -0.06
C ASN B 121 35.49 21.34 0.54
N PRO B 122 35.81 20.90 1.75
CA PRO B 122 37.13 21.23 2.32
C PRO B 122 38.29 20.71 1.48
N VAL B 123 38.13 19.57 0.81
CA VAL B 123 39.25 18.90 0.14
C VAL B 123 39.17 19.12 -1.36
N THR B 124 37.97 19.39 -1.88
CA THR B 124 37.78 19.54 -3.31
C THR B 124 37.49 20.97 -3.74
N HIS B 125 37.08 21.84 -2.81
CA HIS B 125 36.75 23.24 -3.11
C HIS B 125 35.66 23.35 -4.17
N ASP B 126 34.68 22.45 -4.10
CA ASP B 126 33.52 22.49 -4.98
C ASP B 126 32.30 22.90 -4.17
N ARG B 127 31.55 23.88 -4.68
CA ARG B 127 30.40 24.44 -3.98
C ARG B 127 29.12 23.94 -4.62
N LYS B 128 28.22 23.42 -3.79
CA LYS B 128 26.93 22.91 -4.25
C LYS B 128 25.88 23.25 -3.20
N LEU B 129 24.67 22.71 -3.38
CA LEU B 129 23.58 22.91 -2.43
C LEU B 129 23.67 21.91 -1.30
N ASN B 130 23.42 22.38 -0.08
CA ASN B 130 23.52 21.53 1.09
C ASN B 130 22.38 20.53 1.12
N PRO B 131 22.65 19.22 1.14
CA PRO B 131 21.55 18.25 1.17
C PRO B 131 20.67 18.35 2.40
N ASP B 132 21.23 18.72 3.55
CA ASP B 132 20.47 18.78 4.79
C ASP B 132 19.91 20.18 5.08
N GLN B 133 20.14 21.14 4.19
CA GLN B 133 19.57 22.47 4.33
C GLN B 133 18.71 22.85 3.13
N MET B 134 18.50 21.92 2.19
CA MET B 134 17.53 22.09 1.11
C MET B 134 16.24 21.40 1.56
N VAL B 135 15.52 22.08 2.45
CA VAL B 135 14.32 21.52 3.07
C VAL B 135 13.11 22.28 2.53
N TYR B 136 12.07 21.53 2.16
CA TYR B 136 10.81 22.08 1.72
C TYR B 136 9.77 21.90 2.81
N ARG B 137 9.06 22.99 3.12
CA ARG B 137 7.98 22.97 4.11
C ARG B 137 6.67 23.23 3.40
N TYR B 138 5.69 22.35 3.63
CA TYR B 138 4.38 22.49 3.02
C TYR B 138 3.33 21.98 4.00
N GLU B 139 2.07 22.19 3.63
CA GLU B 139 0.93 21.71 4.40
C GLU B 139 -0.04 21.00 3.48
N VAL B 140 -0.58 19.88 3.95
CA VAL B 140 -1.63 19.16 3.26
C VAL B 140 -2.84 19.09 4.19
N TYR B 141 -4.01 18.97 3.61
CA TYR B 141 -5.25 18.85 4.37
C TYR B 141 -5.84 17.47 4.12
N ASP B 142 -6.09 16.73 5.20
CA ASP B 142 -6.62 15.37 5.11
C ASP B 142 -8.13 15.44 4.89
N TYR B 143 -8.49 15.78 3.65
CA TYR B 143 -9.90 15.94 3.30
C TYR B 143 -10.68 14.64 3.51
N ARG B 144 -10.11 13.51 3.09
CA ARG B 144 -10.81 12.24 3.19
C ARG B 144 -11.09 11.87 4.65
N SER B 145 -10.11 12.06 5.53
CA SER B 145 -10.31 11.72 6.93
C SER B 145 -11.09 12.78 7.70
N ALA B 146 -11.19 13.99 7.18
CA ALA B 146 -11.98 15.03 7.85
C ALA B 146 -13.47 14.81 7.66
N ALA B 147 -13.87 14.23 6.53
CA ALA B 147 -15.28 14.02 6.22
C ALA B 147 -15.81 12.69 6.72
N LEU B 148 -14.98 11.89 7.41
CA LEU B 148 -15.42 10.60 7.91
C LEU B 148 -16.51 10.77 8.95
N ARG B 149 -17.38 9.75 9.06
CA ARG B 149 -18.49 9.82 10.00
C ARG B 149 -17.98 9.90 11.44
N GLU B 150 -17.06 9.01 11.81
CA GLU B 150 -16.55 9.00 13.17
C GLU B 150 -15.63 10.17 13.47
N HIS B 151 -15.20 10.92 12.45
CA HIS B 151 -14.32 12.06 12.65
C HIS B 151 -15.03 13.40 12.50
N GLN B 152 -16.37 13.40 12.52
CA GLN B 152 -17.10 14.66 12.45
C GLN B 152 -16.93 15.44 13.75
N LEU B 153 -17.00 16.77 13.63
CA LEU B 153 -16.75 17.63 14.78
C LEU B 153 -17.77 17.39 15.89
N LYS B 154 -19.06 17.45 15.55
CA LYS B 154 -20.11 17.26 16.54
C LYS B 154 -20.24 15.79 16.89
N ALA B 155 -20.27 15.50 18.19
CA ALA B 155 -20.39 14.12 18.64
C ALA B 155 -21.71 13.50 18.21
N ALA B 156 -22.81 14.25 18.34
CA ALA B 156 -24.12 13.73 17.95
C ALA B 156 -24.21 13.45 16.46
N LYS B 157 -23.31 14.03 15.66
CA LYS B 157 -23.26 13.77 14.22
C LYS B 157 -22.35 12.61 13.87
N ARG B 158 -21.73 11.96 14.85
CA ARG B 158 -20.84 10.84 14.58
C ARG B 158 -21.57 9.51 14.48
N ASN B 159 -22.86 9.45 14.77
CA ASN B 159 -23.63 8.22 14.69
C ASN B 159 -25.05 8.57 14.29
N LEU B 160 -25.45 8.16 13.08
CA LEU B 160 -26.79 8.42 12.58
C LEU B 160 -27.80 7.39 13.05
N ASN B 161 -27.37 6.36 13.78
CA ASN B 161 -28.28 5.37 14.34
C ASN B 161 -28.78 5.87 15.68
N THR B 162 -30.05 6.26 15.74
CA THR B 162 -30.61 6.89 16.93
C THR B 162 -30.93 5.90 18.04
N ASP B 163 -30.75 4.59 17.81
CA ASP B 163 -31.05 3.61 18.85
C ASP B 163 -30.15 3.82 20.08
N ILE B 164 -28.87 4.09 19.85
CA ILE B 164 -27.90 4.27 20.94
C ILE B 164 -27.66 5.75 21.13
N LYS B 165 -27.80 6.22 22.37
CA LYS B 165 -27.57 7.62 22.68
C LYS B 165 -26.09 7.95 22.55
N VAL B 166 -25.81 9.13 22.00
CA VAL B 166 -24.43 9.56 21.77
C VAL B 166 -23.87 10.14 23.06
N ASP B 167 -22.72 9.63 23.48
CA ASP B 167 -22.05 10.14 24.68
C ASP B 167 -21.28 11.40 24.32
N PRO B 168 -21.56 12.54 24.97
CA PRO B 168 -20.76 13.75 24.71
C PRO B 168 -19.28 13.57 25.00
N ASN B 169 -18.93 12.76 26.00
CA ASN B 169 -17.54 12.50 26.33
C ASN B 169 -17.00 11.36 25.48
N ALA B 170 -17.12 11.48 24.16
CA ALA B 170 -16.63 10.44 23.27
C ALA B 170 -15.11 10.45 23.22
N VAL B 171 -14.50 9.28 23.39
CA VAL B 171 -13.05 9.13 23.40
C VAL B 171 -12.65 8.66 22.01
N VAL B 172 -12.34 9.62 21.14
CA VAL B 172 -11.85 9.33 19.79
C VAL B 172 -10.43 9.86 19.67
N MET B 173 -9.57 9.08 19.02
CA MET B 173 -8.16 9.40 18.90
C MET B 173 -7.85 9.80 17.46
N ILE B 174 -7.17 10.94 17.30
CA ILE B 174 -6.82 11.47 15.99
C ILE B 174 -5.31 11.34 15.80
N SER B 175 -4.87 11.54 14.56
CA SER B 175 -3.46 11.52 14.21
C SER B 175 -3.11 12.75 13.39
N LYS B 176 -1.90 13.25 13.62
CA LYS B 176 -1.43 14.46 12.90
C LYS B 176 0.10 14.49 12.99
N ASP B 177 0.78 14.61 11.84
CA ASP B 177 2.26 14.70 11.85
C ASP B 177 2.67 16.07 11.30
N THR B 178 3.27 16.91 12.14
CA THR B 178 3.62 18.29 11.68
C THR B 178 5.06 18.61 12.05
N ALA B 179 6.02 18.15 11.24
CA ALA B 179 7.44 18.47 11.49
C ALA B 179 7.57 19.96 11.82
N PHE B 180 8.02 20.29 13.02
CA PHE B 180 8.24 21.71 13.39
C PHE B 180 9.75 21.95 13.48
N VAL B 181 10.18 23.19 13.24
CA VAL B 181 11.61 23.47 13.26
C VAL B 181 11.97 24.10 14.59
N ASP B 182 13.16 23.80 15.09
CA ASP B 182 13.62 24.28 16.38
C ASP B 182 14.72 25.33 16.22
N GLU B 183 15.11 25.92 17.35
CA GLU B 183 16.12 26.97 17.32
C GLU B 183 17.50 26.43 16.93
N SER B 184 17.76 25.15 17.19
CA SER B 184 19.05 24.57 16.86
C SER B 184 19.20 24.24 15.38
N GLY B 185 18.11 24.27 14.61
CA GLY B 185 18.13 23.95 13.21
C GLY B 185 17.91 22.48 12.89
N ASN B 186 17.89 21.61 13.89
CA ASN B 186 17.62 20.20 13.69
C ASN B 186 16.12 20.02 13.55
N ILE B 187 15.65 19.91 12.30
CA ILE B 187 14.23 19.75 12.05
C ILE B 187 13.74 18.45 12.65
N ILE B 188 12.77 18.53 13.54
CA ILE B 188 12.22 17.38 14.25
C ILE B 188 10.78 17.18 13.80
N SER B 189 10.49 15.98 13.29
CA SER B 189 9.15 15.61 12.89
C SER B 189 8.50 14.82 14.03
N GLU B 190 7.29 15.22 14.40
CA GLU B 190 6.61 14.62 15.53
C GLU B 190 5.18 14.25 15.15
N THR B 191 4.63 13.27 15.86
CA THR B 191 3.24 12.89 15.75
C THR B 191 2.51 13.24 17.04
N ILE B 192 1.26 13.64 16.92
CA ILE B 192 0.45 14.06 18.06
C ILE B 192 -0.84 13.27 18.06
N THR B 193 -1.20 12.72 19.22
CA THR B 193 -2.39 11.92 19.40
C THR B 193 -3.35 12.61 20.37
N ARG B 194 -3.50 13.92 20.24
CA ARG B 194 -4.44 14.64 21.09
C ARG B 194 -5.88 14.29 20.67
N PRO B 195 -6.83 14.35 21.60
CA PRO B 195 -8.22 14.07 21.24
C PRO B 195 -8.76 15.11 20.27
N LEU B 196 -9.71 14.68 19.45
CA LEU B 196 -10.32 15.56 18.46
C LEU B 196 -11.01 16.73 19.16
N SER B 197 -10.54 17.94 18.85
CA SER B 197 -11.07 19.14 19.50
C SER B 197 -11.47 20.21 18.50
N SER B 198 -10.78 20.27 17.36
CA SER B 198 -11.02 21.34 16.40
C SER B 198 -10.63 20.87 15.02
N GLU B 199 -10.80 21.76 14.03
CA GLU B 199 -10.48 21.44 12.64
C GLU B 199 -8.98 21.26 12.43
N TYR B 200 -8.17 21.93 13.25
CA TYR B 200 -6.72 21.86 13.10
C TYR B 200 -6.19 20.44 13.21
N ASP B 201 -6.95 19.54 13.84
CA ASP B 201 -6.57 18.15 13.95
C ASP B 201 -6.58 17.41 12.62
N PHE B 202 -6.89 18.08 11.51
CA PHE B 202 -6.95 17.41 10.21
C PHE B 202 -5.98 17.99 9.19
N LEU B 203 -5.05 18.85 9.61
CA LEU B 203 -4.06 19.44 8.73
C LEU B 203 -2.67 18.94 9.12
N ASN B 204 -1.93 18.43 8.13
CA ASN B 204 -0.62 17.87 8.35
C ASN B 204 0.44 18.78 7.72
N THR B 205 1.38 19.25 8.54
CA THR B 205 2.49 20.06 8.07
C THR B 205 3.72 19.17 7.95
N TYR B 206 4.40 19.25 6.81
CA TYR B 206 5.57 18.41 6.55
C TYR B 206 6.73 19.28 6.10
N ILE B 207 7.86 19.17 6.79
CA ILE B 207 9.11 19.79 6.38
C ILE B 207 10.12 18.67 6.16
N VAL B 208 10.55 18.50 4.91
CA VAL B 208 11.43 17.39 4.56
C VAL B 208 12.55 17.87 3.67
N PRO B 209 13.78 17.35 3.82
CA PRO B 209 14.82 17.63 2.83
C PRO B 209 14.43 17.05 1.49
N ILE B 210 14.75 17.78 0.42
CA ILE B 210 14.30 17.43 -0.92
C ILE B 210 15.44 17.22 -1.90
N TYR B 211 16.69 17.40 -1.48
CA TYR B 211 17.80 17.16 -2.39
C TYR B 211 17.93 15.67 -2.65
N PRO B 212 17.95 15.24 -3.91
CA PRO B 212 17.97 13.80 -4.20
C PRO B 212 19.22 13.13 -3.65
N ASP B 213 19.04 11.88 -3.23
CA ASP B 213 20.13 11.08 -2.70
C ASP B 213 20.97 10.57 -3.87
N GLU B 214 21.96 11.36 -4.27
CA GLU B 214 22.88 10.93 -5.33
C GLU B 214 23.62 9.67 -4.92
N THR B 215 23.96 9.55 -3.63
CA THR B 215 24.65 8.39 -3.10
C THR B 215 23.90 7.08 -3.36
N CYS B 216 22.62 7.15 -3.76
CA CYS B 216 21.91 5.94 -4.16
C CYS B 216 22.63 5.21 -5.27
N TRP B 217 23.34 5.94 -6.14
CA TRP B 217 24.07 5.27 -7.21
C TRP B 217 25.17 4.35 -6.69
N VAL B 218 25.58 4.51 -5.43
CA VAL B 218 26.66 3.74 -4.86
C VAL B 218 26.17 2.73 -3.83
N ASN B 219 25.19 3.12 -3.00
CA ASN B 219 24.81 2.28 -1.87
C ASN B 219 24.21 0.95 -2.31
N ASP B 220 23.36 0.96 -3.33
CA ASP B 220 22.71 -0.26 -3.79
C ASP B 220 23.45 -0.95 -4.92
N PHE B 221 24.63 -0.46 -5.29
CA PHE B 221 25.45 -1.07 -6.33
C PHE B 221 26.86 -1.28 -5.79
N PRO B 222 27.07 -2.31 -4.99
CA PRO B 222 28.41 -2.61 -4.50
C PRO B 222 29.24 -3.33 -5.55
N ASN B 223 30.57 -3.18 -5.42
CA ASN B 223 31.53 -3.79 -6.34
C ASN B 223 31.30 -3.34 -7.78
N ALA B 224 30.83 -2.11 -7.96
CA ALA B 224 30.70 -1.51 -9.27
C ALA B 224 31.03 -0.03 -9.16
N ARG B 225 31.57 0.53 -10.23
CA ARG B 225 32.03 1.91 -10.24
C ARG B 225 30.98 2.79 -10.92
N THR B 226 30.48 3.76 -10.17
CA THR B 226 29.48 4.71 -10.64
C THR B 226 29.88 6.14 -10.29
N GLU B 227 31.19 6.41 -10.34
CA GLU B 227 31.68 7.76 -10.08
C GLU B 227 31.11 8.74 -11.11
N ILE B 228 31.00 8.31 -12.37
CA ILE B 228 30.47 9.16 -13.43
C ILE B 228 28.96 9.33 -13.32
N TYR B 229 28.32 8.68 -12.36
CA TYR B 229 26.86 8.75 -12.21
C TYR B 229 26.45 9.54 -10.98
N THR B 230 26.94 9.15 -9.79
CA THR B 230 26.55 9.88 -8.59
C THR B 230 27.11 11.29 -8.54
N ARG B 231 28.19 11.56 -9.28
CA ARG B 231 28.82 12.87 -9.22
C ARG B 231 27.95 13.95 -9.86
N MET B 232 27.48 13.70 -11.09
CA MET B 232 26.81 14.78 -11.82
C MET B 232 25.60 14.29 -12.62
N TYR B 233 24.92 13.24 -12.17
CA TYR B 233 23.66 12.88 -12.82
C TYR B 233 22.66 14.02 -12.74
N PHE B 234 22.54 14.64 -11.56
CA PHE B 234 21.73 15.84 -11.44
C PHE B 234 22.45 17.06 -11.99
N ASN B 235 23.75 17.18 -11.73
CA ASN B 235 24.47 18.43 -11.95
C ASN B 235 24.89 18.64 -13.40
N HIS B 236 24.86 17.61 -14.23
CA HIS B 236 25.29 17.76 -15.61
C HIS B 236 24.24 18.52 -16.40
N PRO B 237 24.60 19.61 -17.09
CA PRO B 237 23.63 20.32 -17.92
C PRO B 237 23.03 19.46 -19.02
N GLY B 238 23.80 18.51 -19.55
CA GLY B 238 23.27 17.63 -20.59
C GLY B 238 22.29 16.59 -20.08
N TYR B 239 22.29 16.33 -18.77
CA TYR B 239 21.35 15.38 -18.19
C TYR B 239 20.05 16.07 -17.81
N ASP B 240 19.44 16.80 -18.75
CA ASP B 240 18.22 17.53 -18.46
C ASP B 240 16.97 16.74 -18.83
N ASP B 241 16.98 16.05 -19.97
CA ASP B 241 15.83 15.28 -20.42
C ASP B 241 15.87 13.82 -19.94
N TYR B 242 16.54 13.56 -18.82
CA TYR B 242 16.58 12.24 -18.22
C TYR B 242 15.80 12.24 -16.91
N PRO B 243 15.03 11.20 -16.63
CA PRO B 243 14.25 11.17 -15.40
C PRO B 243 15.14 11.20 -14.16
N VAL B 244 14.67 11.88 -13.13
CA VAL B 244 15.42 12.00 -11.89
C VAL B 244 15.23 10.73 -11.06
N VAL B 245 16.28 10.31 -10.38
CA VAL B 245 16.27 9.11 -9.55
C VAL B 245 16.76 9.48 -8.15
N GLY B 246 16.63 8.52 -7.24
CA GLY B 246 17.02 8.73 -5.87
C GLY B 246 16.02 9.47 -5.02
N ILE B 247 14.84 9.80 -5.57
CA ILE B 247 13.86 10.57 -4.83
C ILE B 247 13.16 9.69 -3.81
N SER B 248 13.15 10.12 -2.56
CA SER B 248 12.36 9.46 -1.54
C SER B 248 10.88 9.75 -1.76
N TRP B 249 10.03 8.86 -1.23
CA TRP B 249 8.59 9.04 -1.37
C TRP B 249 8.14 10.33 -0.72
N GLU B 250 8.71 10.66 0.44
CA GLU B 250 8.39 11.93 1.09
C GLU B 250 8.75 13.11 0.20
N GLN B 251 9.92 13.05 -0.44
CA GLN B 251 10.29 14.10 -1.38
C GLN B 251 9.38 14.10 -2.60
N ALA B 252 8.87 12.93 -2.99
CA ALA B 252 7.91 12.88 -4.10
C ALA B 252 6.63 13.63 -3.76
N GLN B 253 6.10 13.39 -2.56
CA GLN B 253 4.92 14.13 -2.11
C GLN B 253 5.23 15.62 -2.02
N ALA B 254 6.40 15.97 -1.50
CA ALA B 254 6.77 17.38 -1.38
C ALA B 254 6.83 18.05 -2.75
N PHE B 255 7.40 17.37 -3.74
CA PHE B 255 7.52 17.96 -5.07
C PHE B 255 6.15 18.07 -5.73
N CYS B 256 5.29 17.07 -5.57
CA CYS B 256 3.94 17.18 -6.13
C CYS B 256 3.18 18.33 -5.47
N ALA B 257 3.34 18.51 -4.16
CA ALA B 257 2.73 19.64 -3.47
C ALA B 257 3.28 20.96 -4.00
N TRP B 258 4.58 21.02 -4.27
CA TRP B 258 5.16 22.23 -4.84
C TRP B 258 4.60 22.51 -6.23
N ARG B 259 4.41 21.47 -7.04
CA ARG B 259 3.82 21.66 -8.36
C ARG B 259 2.40 22.18 -8.23
N SER B 260 1.64 21.66 -7.26
CA SER B 260 0.30 22.19 -7.00
C SER B 260 0.36 23.67 -6.60
N GLU B 261 1.32 24.01 -5.74
CA GLU B 261 1.47 25.40 -5.31
C GLU B 261 1.80 26.31 -6.49
N PHE B 262 2.71 25.87 -7.36
CA PHE B 262 3.06 26.67 -8.53
C PHE B 262 1.87 26.84 -9.46
N PHE B 263 1.09 25.77 -9.65
CA PHE B 263 -0.10 25.88 -10.49
C PHE B 263 -1.11 26.84 -9.88
N ARG B 264 -1.25 26.82 -8.56
CA ARG B 264 -2.19 27.73 -7.89
C ARG B 264 -1.73 29.18 -7.99
N LYS B 265 -0.43 29.43 -7.79
CA LYS B 265 0.08 30.80 -7.85
C LYS B 265 -0.05 31.38 -9.26
N GLY B 266 0.42 30.65 -10.26
CA GLY B 266 0.28 31.10 -11.62
C GLY B 266 -1.12 30.92 -12.17
N ILE B 267 -1.40 31.65 -13.24
CA ILE B 267 -2.70 31.59 -13.92
C ILE B 267 -3.82 31.87 -12.92
N ARG B 268 -3.96 33.12 -12.50
CA ARG B 268 -5.00 33.49 -11.55
C ARG B 268 -6.37 33.20 -12.15
N LEU B 269 -7.15 32.38 -11.46
CA LEU B 269 -8.48 31.98 -11.94
C LEU B 269 -9.38 31.77 -10.74
N PRO B 270 -10.21 32.76 -10.40
CA PRO B 270 -11.20 32.56 -9.33
C PRO B 270 -12.25 31.51 -9.67
N GLU B 271 -12.42 31.19 -10.95
CA GLU B 271 -13.41 30.18 -11.34
C GLU B 271 -12.98 28.78 -10.91
N GLY B 272 -11.68 28.55 -10.74
CA GLY B 272 -11.22 27.24 -10.31
C GLY B 272 -11.71 26.87 -8.92
N GLN B 273 -11.68 27.82 -8.00
CA GLN B 273 -12.20 27.65 -6.64
C GLN B 273 -11.48 26.53 -5.89
N ILE B 274 -12.06 25.33 -5.89
CA ILE B 274 -11.51 24.19 -5.16
C ILE B 274 -10.98 23.18 -6.17
N MET B 275 -10.51 23.69 -7.31
CA MET B 275 -10.01 22.84 -8.38
C MET B 275 -8.85 21.97 -7.88
N ASP B 276 -8.83 20.72 -8.35
CA ASP B 276 -7.98 19.69 -7.76
C ASP B 276 -6.50 19.94 -8.06
N ASP B 277 -5.66 19.51 -7.13
CA ASP B 277 -4.22 19.73 -7.20
C ASP B 277 -3.52 18.45 -7.69
N PHE B 278 -2.19 18.47 -7.65
CA PHE B 278 -1.38 17.33 -8.06
C PHE B 278 -1.15 16.39 -6.89
N ARG B 279 -0.78 15.15 -7.22
CA ARG B 279 -0.54 14.11 -6.22
C ARG B 279 0.26 13.01 -6.89
N LEU B 280 0.62 12.01 -6.12
CA LEU B 280 1.19 10.84 -6.77
C LEU B 280 0.07 9.98 -7.34
N PRO B 281 0.30 9.30 -8.46
CA PRO B 281 -0.71 8.40 -8.99
C PRO B 281 -0.92 7.21 -8.09
N THR B 282 -2.15 6.71 -8.06
CA THR B 282 -2.43 5.52 -7.28
C THR B 282 -2.02 4.27 -8.04
N GLU B 283 -2.01 3.15 -7.33
CA GLU B 283 -1.63 1.88 -7.94
C GLU B 283 -2.59 1.51 -9.07
N ALA B 284 -3.90 1.54 -8.79
CA ALA B 284 -4.88 1.21 -9.81
C ALA B 284 -4.88 2.24 -10.94
N GLU B 285 -4.76 3.53 -10.59
CA GLU B 285 -4.69 4.56 -11.62
C GLU B 285 -3.49 4.33 -12.54
N TRP B 286 -2.33 4.07 -11.95
CA TRP B 286 -1.13 3.84 -12.74
C TRP B 286 -1.29 2.63 -13.64
N GLU B 287 -1.79 1.51 -13.09
CA GLU B 287 -1.89 0.32 -13.92
C GLU B 287 -2.91 0.51 -15.05
N TYR B 288 -4.02 1.20 -14.76
CA TYR B 288 -4.99 1.45 -15.81
C TYR B 288 -4.40 2.33 -16.90
N ALA B 289 -3.66 3.37 -16.51
CA ALA B 289 -3.00 4.21 -17.50
C ALA B 289 -1.90 3.47 -18.25
N ALA B 290 -1.39 2.38 -17.69
CA ALA B 290 -0.31 1.63 -18.33
C ALA B 290 -0.86 0.69 -19.41
N ARG B 291 -1.69 -0.26 -19.02
CA ARG B 291 -2.13 -1.31 -19.92
C ARG B 291 -3.24 -0.88 -20.87
N MET B 292 -3.46 0.42 -21.04
CA MET B 292 -4.46 0.99 -21.95
C MET B 292 -5.88 0.67 -21.51
N GLY B 293 -6.09 0.19 -20.29
CA GLY B 293 -7.40 -0.27 -19.89
C GLY B 293 -7.88 -1.47 -20.68
N ASP B 294 -6.97 -2.35 -21.05
CA ASP B 294 -7.28 -3.55 -21.83
C ASP B 294 -6.77 -4.76 -21.08
N SER B 295 -7.62 -5.79 -20.96
CA SER B 295 -7.22 -7.00 -20.26
C SER B 295 -6.07 -7.71 -20.96
N ASN B 296 -6.12 -7.77 -22.30
CA ASN B 296 -5.13 -8.52 -23.06
C ASN B 296 -3.78 -7.84 -23.13
N ASN B 297 -3.68 -6.58 -22.68
CA ASN B 297 -2.43 -5.84 -22.75
C ASN B 297 -1.59 -6.16 -21.52
N LYS B 298 -0.74 -7.17 -21.64
CA LYS B 298 0.19 -7.49 -20.56
C LYS B 298 1.17 -6.35 -20.33
N TYR B 299 1.70 -5.77 -21.40
CA TYR B 299 2.61 -4.64 -21.35
C TYR B 299 1.98 -3.44 -22.04
N PRO B 300 2.47 -2.22 -21.77
CA PRO B 300 1.93 -1.01 -22.40
C PRO B 300 2.34 -0.80 -23.85
N TRP B 301 2.22 -1.87 -24.64
CA TRP B 301 2.30 -1.78 -26.09
C TRP B 301 1.28 -2.74 -26.69
N SER B 302 0.88 -2.45 -27.93
CA SER B 302 -0.22 -3.19 -28.55
C SER B 302 0.10 -4.68 -28.66
N THR B 303 1.31 -5.02 -29.09
CA THR B 303 1.69 -6.41 -29.22
C THR B 303 2.00 -7.01 -27.85
N GLU B 304 2.05 -8.34 -27.81
CA GLU B 304 2.34 -9.07 -26.58
C GLU B 304 3.82 -9.40 -26.43
N ASP B 305 4.64 -9.06 -27.42
CA ASP B 305 6.07 -9.35 -27.40
C ASP B 305 6.85 -8.06 -27.16
N LEU B 306 8.03 -8.19 -26.58
CA LEU B 306 8.86 -7.04 -26.26
C LEU B 306 9.70 -6.57 -27.44
N ARG B 307 9.64 -7.27 -28.57
CA ARG B 307 10.35 -6.87 -29.78
C ARG B 307 9.34 -6.49 -30.86
N THR B 308 9.69 -5.48 -31.65
CA THR B 308 8.85 -5.06 -32.76
C THR B 308 9.03 -6.02 -33.93
N GLY B 309 8.48 -5.66 -35.09
CA GLY B 309 8.65 -6.51 -36.26
C GLY B 309 10.09 -6.62 -36.71
N ARG B 310 10.88 -5.56 -36.55
CA ARG B 310 12.28 -5.56 -36.94
C ARG B 310 13.21 -5.99 -35.83
N GLY B 311 12.68 -6.40 -34.68
CA GLY B 311 13.50 -6.82 -33.57
C GLY B 311 13.89 -5.74 -32.59
N CYS B 312 13.51 -4.49 -32.84
CA CYS B 312 13.85 -3.41 -31.95
C CYS B 312 13.15 -3.59 -30.60
N PHE B 313 13.78 -3.07 -29.54
CA PHE B 313 13.28 -3.21 -28.19
C PHE B 313 12.57 -1.93 -27.76
N LEU B 314 11.48 -2.09 -27.00
CA LEU B 314 10.71 -0.98 -26.47
C LEU B 314 10.87 -0.95 -24.96
N GLY B 315 11.32 0.18 -24.44
CA GLY B 315 11.56 0.29 -23.01
C GLY B 315 12.95 -0.17 -22.64
N ASN B 316 13.68 0.67 -21.90
CA ASN B 316 15.07 0.37 -21.55
C ASN B 316 15.13 -0.39 -20.21
N PHE B 317 14.63 -1.61 -20.25
CA PHE B 317 14.72 -2.54 -19.13
C PHE B 317 15.98 -3.38 -19.31
N LYS B 318 16.11 -4.49 -18.58
CA LYS B 318 17.19 -5.43 -18.82
C LYS B 318 16.66 -6.54 -19.72
N PRO B 319 17.04 -6.59 -20.99
CA PRO B 319 16.52 -7.64 -21.88
C PRO B 319 17.03 -9.02 -21.54
N GLY B 320 18.35 -9.17 -21.44
CA GLY B 320 18.98 -10.45 -21.22
C GLY B 320 19.82 -10.45 -19.94
N GLU B 321 20.27 -11.65 -19.57
CA GLU B 321 21.05 -11.81 -18.35
C GLU B 321 22.38 -11.08 -18.49
N GLY B 322 22.59 -10.06 -17.66
CA GLY B 322 23.77 -9.23 -17.78
C GLY B 322 23.85 -8.45 -19.07
N ASP B 323 22.71 -8.18 -19.69
CA ASP B 323 22.67 -7.55 -21.00
C ASP B 323 21.90 -6.23 -20.95
N TYR B 324 22.25 -5.37 -19.99
CA TYR B 324 21.48 -4.16 -19.74
C TYR B 324 21.31 -3.30 -20.99
N THR B 325 22.29 -3.32 -21.89
CA THR B 325 22.30 -2.41 -23.03
C THR B 325 21.89 -3.10 -24.32
N ALA B 326 21.23 -4.25 -24.23
CA ALA B 326 20.73 -4.91 -25.44
C ALA B 326 19.69 -4.05 -26.14
N ASP B 327 18.82 -3.38 -25.37
CA ASP B 327 17.88 -2.45 -25.95
C ASP B 327 18.58 -1.24 -26.55
N GLY B 328 19.68 -0.80 -25.94
CA GLY B 328 20.43 0.33 -26.45
C GLY B 328 20.89 1.28 -25.39
N HIS B 329 20.31 1.18 -24.20
CA HIS B 329 20.63 2.08 -23.10
C HIS B 329 20.91 1.30 -21.82
N LEU B 330 21.89 1.77 -21.05
CA LEU B 330 22.32 1.11 -19.83
C LEU B 330 21.64 1.70 -18.59
N ILE B 331 21.83 3.01 -18.37
CA ILE B 331 21.24 3.71 -17.24
C ILE B 331 19.85 4.17 -17.65
N PRO B 332 19.07 4.81 -16.75
CA PRO B 332 17.81 5.43 -17.19
C PRO B 332 17.99 6.31 -18.42
N SER B 333 17.40 5.90 -19.54
CA SER B 333 17.55 6.62 -20.79
C SER B 333 16.77 7.93 -20.75
N ARG B 334 16.93 8.73 -21.79
CA ARG B 334 16.17 9.97 -21.90
C ARG B 334 14.70 9.67 -22.12
N VAL B 335 13.85 10.60 -21.66
CA VAL B 335 12.41 10.40 -21.78
C VAL B 335 11.99 10.47 -23.25
N SER B 336 10.87 9.82 -23.55
CA SER B 336 10.30 9.77 -24.90
C SER B 336 11.25 9.14 -25.92
N SER B 337 12.21 8.34 -25.45
CA SER B 337 13.16 7.71 -26.36
C SER B 337 12.51 6.64 -27.22
N PHE B 338 11.67 5.80 -26.61
CA PHE B 338 11.01 4.73 -27.33
C PHE B 338 9.65 5.17 -27.84
N SER B 339 9.02 4.30 -28.62
CA SER B 339 7.71 4.60 -29.18
C SER B 339 6.66 4.61 -28.08
N PRO B 340 5.93 5.69 -27.87
CA PRO B 340 4.92 5.72 -26.82
C PRO B 340 3.70 4.89 -27.18
N ASN B 341 2.98 4.48 -26.16
CA ASN B 341 1.65 3.91 -26.36
C ASN B 341 0.70 5.00 -26.85
N ASP B 342 -0.35 4.59 -27.57
CA ASP B 342 -1.25 5.58 -28.13
C ASP B 342 -2.06 6.33 -27.07
N PHE B 343 -2.02 5.87 -25.81
CA PHE B 343 -2.61 6.63 -24.72
C PHE B 343 -1.87 7.94 -24.47
N GLY B 344 -0.66 8.08 -25.01
CA GLY B 344 0.09 9.32 -24.86
C GLY B 344 1.10 9.33 -23.72
N LEU B 345 1.45 8.17 -23.17
CA LEU B 345 2.36 8.08 -22.04
C LEU B 345 3.70 7.53 -22.52
N TYR B 346 4.77 8.28 -22.29
CA TYR B 346 6.10 7.84 -22.67
C TYR B 346 6.66 6.90 -21.61
N ASP B 347 7.57 6.02 -22.05
CA ASP B 347 8.28 5.05 -21.21
C ASP B 347 7.39 4.48 -20.11
N MET B 348 6.21 4.03 -20.52
CA MET B 348 5.19 3.63 -19.56
C MET B 348 5.66 2.48 -18.69
N ALA B 349 6.28 1.47 -19.30
CA ALA B 349 6.90 0.37 -18.56
C ALA B 349 8.36 0.29 -19.00
N GLY B 350 9.24 0.80 -18.16
CA GLY B 350 10.65 0.86 -18.47
C GLY B 350 11.29 2.02 -17.74
N ASN B 351 12.53 2.31 -18.14
CA ASN B 351 13.30 3.42 -17.57
C ASN B 351 13.41 3.29 -16.07
N VAL B 352 12.62 4.07 -15.33
CA VAL B 352 12.64 4.06 -13.86
C VAL B 352 11.28 3.63 -13.35
N ALA B 353 11.28 2.74 -12.36
CA ALA B 353 10.05 2.33 -11.71
C ALA B 353 9.43 3.51 -10.97
N GLU B 354 8.11 3.52 -10.87
CA GLU B 354 7.36 4.69 -10.46
C GLU B 354 6.90 4.61 -9.01
N TRP B 355 7.08 5.70 -8.28
CA TRP B 355 6.42 5.88 -7.00
C TRP B 355 4.92 5.93 -7.18
N THR B 356 4.19 5.25 -6.29
CA THR B 356 2.74 5.32 -6.29
C THR B 356 2.25 5.47 -4.85
N SER B 357 1.09 6.12 -4.70
CA SER B 357 0.63 6.55 -3.39
C SER B 357 0.28 5.38 -2.49
N THR B 358 -0.40 4.38 -3.03
CA THR B 358 -0.99 3.34 -2.20
C THR B 358 0.08 2.55 -1.45
N ALA B 359 -0.13 2.39 -0.15
CA ALA B 359 0.81 1.63 0.66
C ALA B 359 0.70 0.14 0.36
N PHE B 360 1.85 -0.51 0.20
CA PHE B 360 1.88 -1.94 -0.02
C PHE B 360 1.43 -2.68 1.24
N SER B 361 0.56 -3.67 1.05
CA SER B 361 0.12 -4.51 2.16
C SER B 361 0.11 -5.99 1.84
N GLU B 362 0.32 -6.39 0.57
CA GLU B 362 0.31 -7.76 0.09
C GLU B 362 -1.14 -8.27 0.06
N SER B 363 -2.06 -7.49 0.61
CA SER B 363 -3.48 -7.67 0.33
C SER B 363 -3.86 -6.84 -0.89
N GLY B 364 -3.66 -5.53 -0.81
CA GLY B 364 -3.71 -4.66 -1.96
C GLY B 364 -5.02 -4.69 -2.70
N LEU B 365 -4.99 -5.32 -3.88
CA LEU B 365 -6.16 -5.37 -4.76
C LEU B 365 -7.39 -5.86 -4.01
N LYS B 366 -7.27 -6.97 -3.29
CA LYS B 366 -8.40 -7.58 -2.61
C LYS B 366 -8.77 -6.87 -1.31
N GLN B 367 -8.28 -5.64 -1.10
CA GLN B 367 -8.63 -4.89 0.10
C GLN B 367 -9.08 -3.46 -0.16
N MET B 368 -8.98 -2.96 -1.39
CA MET B 368 -9.45 -1.62 -1.70
C MET B 368 -10.81 -1.68 -2.42
N SER B 369 -11.35 -0.51 -2.72
CA SER B 369 -12.67 -0.39 -3.32
C SER B 369 -12.57 -0.67 -4.82
N ASP B 370 -13.64 -0.34 -5.55
CA ASP B 370 -13.66 -0.52 -6.99
C ASP B 370 -13.66 0.78 -7.78
N ILE B 371 -13.90 1.92 -7.13
CA ILE B 371 -13.91 3.22 -7.79
C ILE B 371 -12.72 4.02 -7.26
N ASN B 372 -11.84 4.44 -8.18
CA ASN B 372 -10.59 5.14 -7.89
C ASN B 372 -9.92 4.59 -6.64
N PRO B 373 -9.69 3.28 -6.55
CA PRO B 373 -9.22 2.70 -5.29
C PRO B 373 -7.79 3.08 -4.99
N GLU B 374 -7.50 3.20 -3.69
CA GLU B 374 -6.16 3.48 -3.21
C GLU B 374 -6.15 3.26 -1.70
N LEU B 375 -4.98 2.92 -1.18
CA LEU B 375 -4.77 2.77 0.26
C LEU B 375 -3.98 3.96 0.77
N GLU B 376 -4.46 4.55 1.86
CA GLU B 376 -3.79 5.70 2.47
C GLU B 376 -3.28 5.29 3.83
N TYR B 377 -1.96 5.38 4.03
CA TYR B 377 -1.33 5.08 5.31
C TYR B 377 -0.20 6.10 5.48
N LYS B 378 -0.51 7.20 6.15
CA LYS B 378 0.50 8.22 6.46
C LYS B 378 1.14 7.89 7.81
N ALA B 379 1.91 6.80 7.80
CA ALA B 379 2.56 6.32 9.01
C ALA B 379 3.48 7.38 9.57
N ALA B 380 3.52 7.49 10.90
CA ALA B 380 4.21 8.58 11.58
C ALA B 380 5.14 8.03 12.64
N LEU B 381 6.43 8.34 12.52
CA LEU B 381 7.44 8.11 13.56
C LEU B 381 7.45 6.71 14.13
N THR B 382 6.83 6.53 15.29
CA THR B 382 6.97 5.33 16.11
C THR B 382 6.07 4.20 15.60
N ASP B 383 6.30 3.82 14.35
CA ASP B 383 5.66 2.69 13.71
C ASP B 383 6.72 1.70 13.26
N PRO B 384 6.38 0.42 13.13
CA PRO B 384 7.34 -0.53 12.53
C PRO B 384 7.68 -0.12 11.11
N TYR B 385 8.93 -0.35 10.73
CA TYR B 385 9.40 0.05 9.41
C TYR B 385 8.70 -0.73 8.30
N ILE B 386 8.13 -1.89 8.61
CA ILE B 386 7.43 -2.67 7.59
C ILE B 386 6.21 -1.91 7.07
N LEU B 387 5.46 -1.26 7.97
CA LEU B 387 4.27 -0.55 7.55
C LEU B 387 4.58 0.68 6.70
N LYS B 388 5.80 1.20 6.77
CA LYS B 388 6.21 2.34 5.94
C LYS B 388 6.73 1.87 4.59
N GLN B 389 5.92 1.10 3.88
CA GLN B 389 6.31 0.45 2.62
C GLN B 389 5.36 0.88 1.51
N LYS B 390 5.65 2.00 0.86
CA LYS B 390 4.87 2.42 -0.30
C LYS B 390 5.15 1.50 -1.48
N VAL B 391 4.08 1.13 -2.20
CA VAL B 391 4.23 0.23 -3.35
C VAL B 391 4.79 1.01 -4.53
N VAL B 392 5.45 0.28 -5.43
CA VAL B 392 5.99 0.84 -6.66
C VAL B 392 5.61 -0.08 -7.81
N ARG B 393 5.57 0.49 -9.01
CA ARG B 393 5.18 -0.26 -10.19
C ARG B 393 5.83 0.35 -11.42
N GLY B 394 6.09 -0.49 -12.42
CA GLY B 394 6.60 -0.01 -13.69
C GLY B 394 7.74 -0.82 -14.25
N GLY B 395 8.60 -1.33 -13.38
CA GLY B 395 9.79 -2.01 -13.85
C GLY B 395 10.84 -1.00 -14.27
N SER B 396 12.08 -1.22 -13.85
CA SER B 396 13.16 -0.29 -14.11
C SER B 396 14.17 -0.92 -15.06
N TRP B 397 15.24 -0.15 -15.33
CA TRP B 397 16.28 -0.62 -16.23
C TRP B 397 16.98 -1.86 -15.70
N LYS B 398 17.12 -1.98 -14.38
CA LYS B 398 17.81 -3.14 -13.83
C LYS B 398 16.93 -4.39 -13.84
N ASP B 399 15.61 -4.25 -13.78
CA ASP B 399 14.72 -5.39 -13.63
C ASP B 399 14.48 -6.10 -14.95
N VAL B 400 14.36 -7.43 -14.87
CA VAL B 400 14.17 -8.32 -16.01
C VAL B 400 12.77 -8.11 -16.59
N ALA B 401 12.51 -8.73 -17.74
CA ALA B 401 11.23 -8.57 -18.42
C ALA B 401 10.04 -8.97 -17.54
N ARG B 402 10.26 -9.85 -16.56
CA ARG B 402 9.17 -10.24 -15.68
C ARG B 402 8.64 -9.04 -14.90
N PHE B 403 9.54 -8.18 -14.42
CA PHE B 403 9.13 -7.00 -13.68
C PHE B 403 8.76 -5.83 -14.57
N ILE B 404 8.98 -5.92 -15.89
CA ILE B 404 8.54 -4.86 -16.77
C ILE B 404 7.07 -5.00 -17.12
N ARG B 405 6.49 -6.17 -16.89
CA ARG B 405 5.05 -6.34 -17.03
C ARG B 405 4.33 -5.46 -16.01
N SER B 406 3.30 -4.74 -16.48
CA SER B 406 2.69 -3.72 -15.63
C SER B 406 1.99 -4.32 -14.41
N ALA B 407 1.47 -5.53 -14.53
CA ALA B 407 0.74 -6.16 -13.43
C ALA B 407 1.70 -6.92 -12.50
N THR B 408 2.66 -6.17 -11.94
CA THR B 408 3.63 -6.73 -11.01
C THR B 408 3.82 -5.75 -9.87
N ARG B 409 3.33 -6.10 -8.68
CA ARG B 409 3.60 -5.29 -7.50
C ARG B 409 5.04 -5.49 -7.04
N SER B 410 5.58 -4.49 -6.35
CA SER B 410 6.94 -4.56 -5.85
C SER B 410 7.07 -3.71 -4.60
N HIS B 411 7.83 -4.21 -3.63
CA HIS B 411 8.04 -3.51 -2.38
C HIS B 411 8.87 -2.24 -2.60
N GLU B 412 8.76 -1.31 -1.67
CA GLU B 412 9.62 -0.14 -1.61
C GLU B 412 9.39 0.58 -0.29
N TYR B 413 10.48 0.98 0.36
CA TYR B 413 10.38 1.73 1.60
C TYR B 413 10.26 3.21 1.28
N GLN B 414 9.33 3.89 1.96
CA GLN B 414 9.08 5.29 1.67
C GLN B 414 10.28 6.17 2.02
N ASN B 415 11.07 5.76 3.02
CA ASN B 415 12.21 6.57 3.44
C ASN B 415 13.33 6.53 2.41
N VAL B 416 13.65 5.35 1.89
CA VAL B 416 14.80 5.18 1.02
C VAL B 416 14.48 5.69 -0.38
N GLY B 417 15.53 6.13 -1.07
CA GLY B 417 15.41 6.51 -2.46
C GLY B 417 16.50 5.86 -3.28
N ARG B 418 16.11 5.02 -4.23
CA ARG B 418 17.06 4.22 -5.00
C ARG B 418 17.30 4.84 -6.37
N SER B 419 18.33 4.34 -7.04
CA SER B 419 18.74 4.83 -8.36
C SER B 419 17.85 4.34 -9.48
N TYR B 420 16.72 3.70 -9.16
CA TYR B 420 15.82 3.16 -10.18
C TYR B 420 14.37 3.53 -9.89
N ILE B 421 14.14 4.55 -9.08
CA ILE B 421 12.79 4.91 -8.64
C ILE B 421 12.54 6.34 -9.08
N GLY B 422 11.89 6.50 -10.23
CA GLY B 422 11.30 7.76 -10.62
C GLY B 422 9.89 7.90 -10.08
N PHE B 423 9.22 8.95 -10.53
CA PHE B 423 7.85 9.21 -10.08
C PHE B 423 7.16 10.16 -11.04
N ARG B 424 5.85 10.27 -10.88
CA ARG B 424 5.01 11.13 -11.70
C ARG B 424 4.10 11.96 -10.80
N CYS B 425 3.78 13.16 -11.26
CA CYS B 425 2.76 14.00 -10.62
C CYS B 425 1.50 13.97 -11.49
N VAL B 426 0.40 13.53 -10.89
CA VAL B 426 -0.85 13.26 -11.59
C VAL B 426 -1.95 14.10 -10.95
N ARG B 427 -2.87 14.60 -11.76
CA ARG B 427 -3.97 15.42 -11.26
C ARG B 427 -5.31 14.81 -11.69
N THR B 428 -6.34 15.09 -10.90
CA THR B 428 -7.69 14.63 -11.20
C THR B 428 -8.38 15.63 -12.13
N SER B 429 -8.95 15.11 -13.22
CA SER B 429 -9.59 15.93 -14.23
C SER B 429 -11.09 15.96 -13.98
N ILE B 430 -11.64 17.16 -13.84
CA ILE B 430 -13.09 17.36 -13.75
C ILE B 430 -13.56 17.58 -15.18
N ALA B 431 -13.83 16.49 -15.89
CA ALA B 431 -14.20 16.54 -17.30
C ALA B 431 -15.64 16.08 -17.46
N PHE B 432 -16.44 16.91 -18.14
CA PHE B 432 -17.84 16.60 -18.40
C PHE B 432 -17.99 15.91 -19.76
N SER B 433 -17.37 14.73 -19.86
CA SER B 433 -17.44 13.96 -21.09
C SER B 433 -18.87 13.48 -21.33
N SER B 434 -19.36 13.71 -22.55
CA SER B 434 -20.73 13.33 -22.89
C SER B 434 -20.89 11.82 -23.07
N GLY B 435 -19.80 11.08 -23.21
CA GLY B 435 -19.88 9.65 -23.43
C GLY B 435 -20.42 9.30 -24.80
N LYS B 436 -21.63 8.76 -24.86
CA LYS B 436 -22.28 8.39 -26.11
C LYS B 436 -21.42 7.43 -26.93
N ALA B 437 -20.82 6.46 -26.25
CA ALA B 437 -19.96 5.48 -26.92
C ALA B 437 -20.78 4.51 -27.75
C1 MAN C . 2.83 21.04 13.75
C2 MAN C . 2.76 22.48 13.25
C3 MAN C . 3.85 23.26 13.91
C4 MAN C . 3.73 23.17 15.42
C5 MAN C . 3.54 21.74 15.89
C6 MAN C . 3.12 21.64 17.33
O2 MAN C . 1.50 23.06 13.57
O3 MAN C . 3.73 24.63 13.50
O4 MAN C . 4.94 23.64 15.99
O5 MAN C . 2.50 21.12 15.12
O6 MAN C . 1.79 22.09 17.50
C1 GCU C . 0.41 22.77 12.76
C2 GCU C . -0.20 24.11 12.40
C3 GCU C . -0.67 24.88 13.62
C4 GCU C . -1.54 23.99 14.49
C5 GCU C . -0.80 22.68 14.77
C6 GCU C . -1.62 21.74 15.60
O2 GCU C . 0.75 24.88 11.66
O3 GCU C . -1.40 26.03 13.20
O4 GCU C . -1.85 24.63 15.73
O5 GCU C . -0.53 22.04 13.52
O6A GCU C . -2.82 21.73 15.45
O6B GCU C . -1.09 21.01 16.39
C2 BGC C . -3.78 24.95 17.15
C3 BGC C . -5.11 25.66 17.24
C4 BGC C . -4.95 27.14 16.94
C5 BGC C . -4.22 27.35 15.62
C6 BGC C . -3.92 28.79 15.34
C1 BGC C . -3.08 25.26 15.84
O2 BGC C . -3.92 23.54 17.30
O3 BGC C . -5.66 25.47 18.55
O4 BGC C . -6.24 27.84 16.93
O5 BGC C . -2.96 26.67 15.67
O6 BGC C . -2.95 29.29 16.24
C1 FUL C . -6.84 28.63 17.92
C2 FUL C . -5.84 29.69 18.39
O2 FUL C . -6.25 30.97 17.88
C3 FUL C . -5.77 29.76 19.87
O3 FUL C . -4.97 28.65 20.36
C4 FUL C . -7.13 29.70 20.50
O4 FUL C . -7.02 29.86 21.92
C5 FUL C . -7.84 28.38 20.17
C6 FUL C . -7.81 27.46 21.36
O5 FUL C . -7.19 27.68 19.04
C1 NGA C . -7.85 30.94 22.45
C2 NGA C . -8.23 31.95 21.36
C3 NGA C . -9.69 32.35 21.47
C4 NGA C . -10.02 32.62 22.93
C5 NGA C . -9.78 31.36 23.75
C6 NGA C . -11.09 30.75 24.21
C7 NGA C . -6.38 33.34 20.64
C8 NGA C . -5.00 33.17 21.20
N2 NGA C . -7.39 33.12 21.47
O3 NGA C . -10.54 31.33 21.01
O4 NGA C . -11.37 33.03 23.06
O5 NGA C . -9.05 30.42 23.00
O6 NGA C . -11.88 30.43 23.08
O7 NGA C . -6.53 33.67 19.47
C1 NGA C . -10.35 31.12 19.59
C2 NGA C . -11.50 30.25 19.06
C3 NGA C . -11.88 30.66 17.65
C4 NGA C . -10.63 31.01 16.86
C5 NGA C . -9.90 32.18 17.53
C6 NGA C . -10.12 33.48 16.75
C7 NGA C . -11.96 27.94 19.61
C8 NGA C . -11.55 27.32 20.91
N2 NGA C . -11.13 28.84 19.09
O3 NGA C . -12.75 31.76 17.70
O4 NGA C . -10.99 31.36 15.54
O5 NGA C . -10.34 32.33 18.87
O6 NGA C . -9.57 33.35 15.46
O7 NGA C . -13.00 27.59 19.05
C1 RAM C . 4.90 24.71 16.88
C2 RAM C . 6.18 24.57 17.68
C3 RAM C . 6.85 25.91 17.85
C4 RAM C . 7.25 26.48 16.49
C5 RAM C . 6.17 26.15 15.47
C6 RAM C . 5.94 27.27 14.48
O2 RAM C . 5.89 23.99 18.95
O3 RAM C . 5.96 26.81 18.49
O4 RAM C . 8.49 25.90 16.08
O5 RAM C . 4.92 25.93 16.15
C1 MAN D . 10.74 29.22 0.63
C2 MAN D . 10.21 29.87 1.90
C3 MAN D . 11.08 29.35 3.04
C4 MAN D . 11.06 27.82 3.13
C5 MAN D . 11.34 27.19 1.75
C6 MAN D . 10.99 25.72 1.71
O2 MAN D . 8.85 29.43 2.13
O3 MAN D . 10.76 29.93 4.31
O4 MAN D . 12.05 27.38 4.04
O5 MAN D . 10.57 27.83 0.71
O6 MAN D . 9.59 25.60 1.96
C1 GCU D . 8.10 30.35 2.98
C2 GCU D . 6.85 29.65 3.49
C3 GCU D . 5.84 29.42 2.36
C4 GCU D . 5.56 30.71 1.62
C5 GCU D . 6.88 31.32 1.17
C6 GCU D . 6.69 32.67 0.49
O2 GCU D . 7.18 28.40 4.06
O3 GCU D . 4.63 28.93 2.91
O4 GCU D . 4.76 30.42 0.49
O5 GCU D . 7.71 31.53 2.31
O6A GCU D . 7.17 32.82 -0.66
O6B GCU D . 6.06 33.55 1.10
C2 BGC D . 2.91 31.08 -0.89
C3 BGC D . 1.69 31.99 -1.01
C4 BGC D . 0.82 31.90 0.24
C5 BGC D . 1.65 32.11 1.49
C6 BGC D . 0.87 31.90 2.77
C1 BGC D . 3.64 31.34 0.42
O2 BGC D . 3.79 31.31 -1.98
O3 BGC D . 0.94 31.65 -2.17
O4 BGC D . -0.21 32.88 0.17
O5 BGC D . 2.75 31.18 1.52
O6 BGC D . 1.50 30.94 3.61
C1 FUL D . -1.50 32.25 0.07
C2 FUL D . -2.20 32.68 -1.20
O2 FUL D . -3.38 31.88 -1.36
C3 FUL D . -2.60 34.11 -1.21
O3 FUL D . -1.59 34.85 -1.96
C4 FUL D . -2.79 34.81 0.12
O4 FUL D . -1.89 35.92 0.17
C5 FUL D . -2.69 33.97 1.41
C6 FUL D . -1.68 34.54 2.37
O5 FUL D . -2.38 32.52 1.24
C1 NGA D . -2.58 37.19 0.35
C2 NGA D . -3.43 37.51 -0.89
C3 NGA D . -4.89 37.78 -0.50
C4 NGA D . -4.98 38.78 0.66
C5 NGA D . -3.97 38.42 1.75
C6 NGA D . -4.62 38.41 3.14
C7 NGA D . -1.82 39.33 -1.27
C8 NGA D . -2.06 40.65 -0.59
N2 NGA D . -2.91 38.64 -1.64
O3 NGA D . -5.51 36.58 -0.14
O4 NGA D . -6.29 38.75 1.19
O5 NGA D . -3.43 37.15 1.47
O6 NGA D . -3.64 38.05 4.09
O7 NGA D . -0.68 38.93 -1.49
C1 NGA D . -6.57 36.29 -1.07
C2 NGA D . -6.08 35.17 -2.00
C3 NGA D . -6.84 33.88 -1.74
C4 NGA D . -8.34 34.09 -1.89
C5 NGA D . -8.76 35.42 -1.27
C6 NGA D . -10.07 35.28 -0.51
C7 NGA D . -5.18 35.77 -4.18
C8 NGA D . -5.09 34.88 -5.39
N2 NGA D . -6.23 35.58 -3.39
O3 NGA D . -6.57 33.43 -0.44
O4 NGA D . -9.03 33.03 -1.27
O5 NGA D . -7.74 35.87 -0.40
O6 NGA D . -10.45 36.54 0.00
O7 NGA D . -4.31 36.61 -3.96
C1 RAM D . 11.47 27.04 5.31
C2 RAM D . 12.29 25.93 5.96
C3 RAM D . 13.63 26.41 6.37
C4 RAM D . 13.58 27.64 7.21
C5 RAM D . 12.69 28.74 6.61
C6 RAM D . 12.52 29.83 7.62
O2 RAM D . 11.58 25.47 7.12
O3 RAM D . 14.28 25.35 7.12
O4 RAM D . 14.90 28.15 7.36
O5 RAM D . 11.37 28.22 6.21
C1 MAN E . 5.41 -24.22 -14.19
C2 MAN E . 5.31 -25.36 -15.22
C3 MAN E . 6.01 -26.60 -14.74
C4 MAN E . 5.39 -27.10 -13.44
C5 MAN E . 5.06 -25.92 -12.53
C6 MAN E . 5.40 -26.16 -11.09
O2 MAN E . 5.83 -24.91 -16.46
O3 MAN E . 7.40 -26.32 -14.53
O4 MAN E . 4.19 -27.81 -13.71
O5 MAN E . 5.84 -24.78 -12.94
O6 MAN E . 5.42 -24.94 -10.37
CA CA F . 18.10 -0.96 -20.99
#